data_6IIH
#
_entry.id   6IIH
#
_cell.length_a   66.743
_cell.length_b   96.311
_cell.length_c   85.488
_cell.angle_alpha   90.00
_cell.angle_beta   98.98
_cell.angle_gamma   90.00
#
_symmetry.space_group_name_H-M   'P 1 21 1'
#
loop_
_entity.id
_entity.type
_entity.pdbx_description
1 polymer 'Endolysin,Calcium uptake protein 2, mitochondrial'
2 non-polymer 'CALCIUM ION'
3 water water
#
_entity_poly.entity_id   1
_entity_poly.type   'polypeptide(L)'
_entity_poly.pdbx_seq_one_letter_code
;MGHHHHHHMNIFEMLRIDERLRLKIYKDTEGYYTIGIGHLLTKSPSLNAAKSELDKAIGRNTNGVITKDEAEKLFNQDVD
AAVRGILRNAKLKPVYDSLDAVRRAALINMVFQMGETGVAGFTNSLRMLQQKRWDEAAVNLAKSIWYNQTPNRAKRVITT
FRTGTWDAYHMLRKQRFMQFSSLEHEGEYYMTPRDFLFSVMFEQMERKTSVKKLTKKDIEDTLSGIQTAGCGSTFFRDLG
DKGLISYTEYLFLLTILTKPHSGFHVAFKMLDTDGNEMIEKREFFKLQKIISKQDDLMTVKTNETGYQEAIVKEPEINTT
LQMRFFGKRGQRKLHYKEFRRFMENLQTEIQEMEFLQFSKGLSFMRKEDFAEWLLFFTNTENKDIYWKNVREKLSAGESI
SLDEFKSFCHFTTHLEDFAIAMQMFSLAHRPVRLAEFKRAVKVATGQELSNNILDTVFKIFDLDGDECLSHEEFLGVLKN
RMHRGLWVPQHQS
;
_entity_poly.pdbx_strand_id   A,B
#
# COMPACT_ATOMS: atom_id res chain seq x y z
N MET A 9 9.70 5.64 -6.38
CA MET A 9 10.43 5.59 -7.68
C MET A 9 11.81 6.23 -7.62
N ASN A 10 12.74 5.60 -8.32
CA ASN A 10 14.10 6.11 -8.46
C ASN A 10 14.67 5.46 -9.72
N ILE A 11 15.94 5.72 -9.99
CA ILE A 11 16.57 5.16 -11.18
C ILE A 11 16.49 3.64 -11.16
N PHE A 12 16.67 3.04 -9.98
CA PHE A 12 16.57 1.59 -9.85
C PHE A 12 15.20 1.09 -10.26
N GLU A 13 14.13 1.69 -9.71
CA GLU A 13 12.79 1.18 -10.03
C GLU A 13 12.42 1.48 -11.47
N MET A 14 12.85 2.61 -12.00
CA MET A 14 12.68 2.95 -13.41
C MET A 14 13.28 1.91 -14.33
N LEU A 15 14.59 1.62 -14.15
CA LEU A 15 15.22 0.61 -15.00
C LEU A 15 14.61 -0.77 -14.80
N ARG A 16 14.09 -1.08 -13.61
CA ARG A 16 13.47 -2.40 -13.42
C ARG A 16 12.23 -2.55 -14.28
N ILE A 17 11.52 -1.45 -14.52
CA ILE A 17 10.41 -1.45 -15.46
C ILE A 17 10.92 -1.52 -16.90
N ASP A 18 11.96 -0.77 -17.23
CA ASP A 18 12.43 -0.69 -18.60
C ASP A 18 13.21 -1.93 -19.05
N GLU A 19 13.79 -2.67 -18.11
CA GLU A 19 14.60 -3.85 -18.45
C GLU A 19 14.04 -5.07 -17.72
N ARG A 20 13.40 -5.95 -18.47
CA ARG A 20 12.90 -7.21 -17.93
C ARG A 20 14.02 -8.00 -17.28
N LEU A 21 13.75 -8.54 -16.10
CA LEU A 21 14.70 -9.43 -15.43
C LEU A 21 14.81 -10.73 -16.22
N ARG A 22 16.00 -11.04 -16.68
CA ARG A 22 16.30 -12.28 -17.40
C ARG A 22 17.22 -13.11 -16.51
N LEU A 23 16.68 -14.15 -15.90
CA LEU A 23 17.53 -15.03 -15.11
C LEU A 23 18.28 -16.01 -15.98
N LYS A 24 17.92 -16.14 -17.25
CA LYS A 24 18.64 -16.96 -18.21
C LYS A 24 19.10 -16.09 -19.37
N ILE A 25 20.26 -16.44 -19.91
CA ILE A 25 20.85 -15.65 -20.98
C ILE A 25 19.81 -15.47 -22.07
N TYR A 26 19.68 -14.24 -22.55
CA TYR A 26 18.67 -13.83 -23.50
C TYR A 26 19.33 -13.05 -24.63
N LYS A 27 19.00 -13.39 -25.87
CA LYS A 27 19.53 -12.65 -27.02
C LYS A 27 18.49 -11.64 -27.50
N ASP A 28 18.82 -10.35 -27.44
CA ASP A 28 17.83 -9.33 -27.71
C ASP A 28 17.79 -8.95 -29.20
N THR A 29 16.75 -8.18 -29.54
CA THR A 29 16.51 -7.80 -30.93
C THR A 29 17.73 -7.18 -31.57
N GLU A 30 18.46 -6.34 -30.84
CA GLU A 30 19.72 -5.78 -31.31
C GLU A 30 20.81 -6.82 -31.46
N GLY A 31 20.55 -8.09 -31.11
CA GLY A 31 21.51 -9.15 -31.31
C GLY A 31 22.51 -9.37 -30.21
N TYR A 32 22.34 -8.71 -29.07
CA TYR A 32 23.24 -8.88 -27.93
C TYR A 32 22.71 -9.95 -26.98
N TYR A 33 23.61 -10.79 -26.49
CA TYR A 33 23.26 -11.62 -25.35
C TYR A 33 23.18 -10.75 -24.10
N THR A 34 22.13 -10.96 -23.33
CA THR A 34 21.90 -10.17 -22.13
C THR A 34 21.52 -11.09 -20.96
N ILE A 35 21.65 -10.54 -19.76
CA ILE A 35 21.34 -11.27 -18.55
C ILE A 35 20.95 -10.25 -17.51
N GLY A 36 20.17 -10.73 -16.54
CA GLY A 36 19.81 -9.92 -15.41
C GLY A 36 18.91 -8.77 -15.82
N ILE A 37 19.22 -7.61 -15.26
CA ILE A 37 18.43 -6.38 -15.53
C ILE A 37 19.25 -5.62 -16.54
N GLY A 38 19.07 -5.98 -17.80
CA GLY A 38 19.70 -5.28 -18.92
C GLY A 38 21.22 -5.26 -18.92
N HIS A 39 21.85 -6.32 -18.42
CA HIS A 39 23.31 -6.45 -18.45
C HIS A 39 23.74 -7.06 -19.78
N LEU A 40 24.51 -6.31 -20.58
CA LEU A 40 24.89 -6.79 -21.90
C LEU A 40 26.15 -7.65 -21.81
N LEU A 41 26.14 -8.81 -22.45
CA LEU A 41 27.32 -9.67 -22.55
C LEU A 41 28.03 -9.29 -23.85
N THR A 42 29.04 -8.44 -23.71
CA THR A 42 29.58 -7.68 -24.82
C THR A 42 30.53 -8.50 -25.70
N LYS A 43 31.47 -9.25 -25.08
CA LYS A 43 32.45 -10.06 -25.82
C LYS A 43 31.93 -11.43 -26.16
N SER A 44 30.68 -11.49 -26.64
CA SER A 44 29.96 -12.74 -26.78
C SER A 44 29.21 -12.72 -28.10
N PRO A 45 29.83 -13.21 -29.17
CA PRO A 45 29.12 -13.34 -30.45
C PRO A 45 28.31 -14.61 -30.60
N SER A 46 28.32 -15.51 -29.61
CA SER A 46 27.56 -16.75 -29.62
C SER A 46 26.99 -16.99 -28.23
N LEU A 47 26.08 -17.97 -28.12
CA LEU A 47 25.60 -18.37 -26.80
C LEU A 47 26.74 -18.87 -25.92
N ASN A 48 27.59 -19.76 -26.46
CA ASN A 48 28.67 -20.33 -25.66
C ASN A 48 29.67 -19.26 -25.23
N ALA A 49 29.95 -18.29 -26.11
CA ALA A 49 30.79 -17.19 -25.68
C ALA A 49 30.12 -16.40 -24.54
N ALA A 50 28.80 -16.21 -24.61
CA ALA A 50 28.11 -15.47 -23.56
C ALA A 50 28.15 -16.20 -22.22
N LYS A 51 28.09 -17.53 -22.24
CA LYS A 51 28.21 -18.26 -20.98
C LYS A 51 29.59 -18.08 -20.40
N SER A 52 30.62 -18.09 -21.24
CA SER A 52 31.98 -17.83 -20.74
C SER A 52 32.08 -16.45 -20.12
N GLU A 53 31.59 -15.41 -20.83
CA GLU A 53 31.62 -14.07 -20.29
C GLU A 53 30.84 -13.98 -18.98
N LEU A 54 29.65 -14.59 -18.94
CA LEU A 54 28.85 -14.56 -17.72
C LEU A 54 29.55 -15.26 -16.56
N ASP A 55 30.11 -16.46 -16.80
CA ASP A 55 30.77 -17.19 -15.70
C ASP A 55 31.87 -16.35 -15.09
N LYS A 56 32.63 -15.63 -15.93
CA LYS A 56 33.65 -14.75 -15.37
C LYS A 56 33.03 -13.58 -14.61
N ALA A 57 31.97 -13.00 -15.14
CA ALA A 57 31.35 -11.85 -14.49
C ALA A 57 30.76 -12.22 -13.13
N ILE A 58 30.22 -13.42 -12.99
CA ILE A 58 29.66 -13.85 -11.71
C ILE A 58 30.67 -14.59 -10.84
N GLY A 59 31.71 -15.20 -11.41
CA GLY A 59 32.64 -16.02 -10.62
C GLY A 59 32.11 -17.40 -10.28
N ARG A 60 31.19 -17.93 -11.08
CA ARG A 60 30.51 -19.20 -10.85
C ARG A 60 30.24 -19.89 -12.19
N ASN A 61 30.28 -21.23 -12.17
CA ASN A 61 29.82 -22.01 -13.33
C ASN A 61 28.29 -21.91 -13.47
N THR A 62 27.81 -20.96 -14.25
CA THR A 62 26.37 -20.64 -14.22
C THR A 62 25.57 -21.46 -15.21
N ASN A 63 26.20 -22.05 -16.22
CA ASN A 63 25.48 -22.67 -17.35
C ASN A 63 24.43 -21.72 -17.96
N GLY A 64 24.67 -20.43 -17.92
CA GLY A 64 23.73 -19.47 -18.49
C GLY A 64 22.58 -19.05 -17.61
N VAL A 65 22.59 -19.42 -16.34
CA VAL A 65 21.48 -19.18 -15.42
C VAL A 65 22.03 -18.55 -14.14
N ILE A 66 21.44 -17.42 -13.75
CA ILE A 66 21.86 -16.71 -12.55
C ILE A 66 20.66 -16.58 -11.60
N THR A 67 20.96 -16.19 -10.37
CA THR A 67 19.97 -15.97 -9.33
C THR A 67 19.58 -14.50 -9.29
N LYS A 68 18.48 -14.23 -8.60
CA LYS A 68 18.05 -12.85 -8.40
C LYS A 68 19.11 -12.02 -7.72
N ASP A 69 19.77 -12.56 -6.68
CA ASP A 69 20.78 -11.79 -5.98
C ASP A 69 21.97 -11.45 -6.88
N GLU A 70 22.39 -12.41 -7.69
CA GLU A 70 23.44 -12.16 -8.69
C GLU A 70 23.03 -11.07 -9.69
N ALA A 71 21.77 -11.12 -10.16
CA ALA A 71 21.25 -10.06 -11.01
C ALA A 71 21.28 -8.70 -10.30
N GLU A 72 20.88 -8.65 -9.03
CA GLU A 72 20.88 -7.37 -8.31
C GLU A 72 22.29 -6.81 -8.12
N LYS A 73 23.27 -7.69 -7.93
CA LYS A 73 24.66 -7.22 -7.79
C LYS A 73 25.17 -6.61 -9.09
N LEU A 74 24.91 -7.27 -10.22
CA LEU A 74 25.28 -6.74 -11.52
C LEU A 74 24.55 -5.43 -11.79
N PHE A 75 23.25 -5.41 -11.47
CA PHE A 75 22.42 -4.21 -11.66
C PHE A 75 23.01 -3.01 -10.93
N ASN A 76 23.40 -3.19 -9.68
CA ASN A 76 23.99 -2.08 -8.93
C ASN A 76 25.33 -1.62 -9.51
N GLN A 77 26.17 -2.57 -9.96
CA GLN A 77 27.42 -2.17 -10.61
C GLN A 77 27.14 -1.42 -11.90
N ASP A 78 26.14 -1.87 -12.67
CA ASP A 78 25.84 -1.22 -13.94
C ASP A 78 25.29 0.19 -13.72
N VAL A 79 24.45 0.39 -12.71
CA VAL A 79 23.97 1.75 -12.44
C VAL A 79 25.12 2.61 -11.95
N ASP A 80 25.94 2.07 -11.03
CA ASP A 80 27.14 2.79 -10.57
C ASP A 80 28.03 3.14 -11.76
N ALA A 81 28.27 2.19 -12.66
CA ALA A 81 29.09 2.52 -13.81
C ALA A 81 28.46 3.60 -14.68
N ALA A 82 27.12 3.63 -14.80
CA ALA A 82 26.53 4.70 -15.61
C ALA A 82 26.73 6.06 -14.97
N VAL A 83 26.55 6.15 -13.65
CA VAL A 83 26.74 7.42 -12.96
C VAL A 83 28.17 7.90 -13.17
N ARG A 84 29.15 7.00 -13.03
CA ARG A 84 30.54 7.41 -13.21
C ARG A 84 30.81 7.85 -14.65
N GLY A 85 30.21 7.18 -15.62
CA GLY A 85 30.35 7.61 -17.00
C GLY A 85 29.83 9.02 -17.20
N ILE A 86 28.80 9.41 -16.45
CA ILE A 86 28.26 10.75 -16.56
C ILE A 86 29.23 11.74 -15.92
N LEU A 87 29.59 11.48 -14.67
CA LEU A 87 30.38 12.42 -13.88
C LEU A 87 31.78 12.66 -14.45
N ARG A 88 32.30 11.72 -15.24
CA ARG A 88 33.62 11.91 -15.85
C ARG A 88 33.54 12.39 -17.28
N ASN A 89 32.36 12.75 -17.78
CA ASN A 89 32.20 13.18 -19.16
C ASN A 89 31.91 14.68 -19.24
N ALA A 90 32.74 15.38 -20.02
CA ALA A 90 32.67 16.83 -20.07
C ALA A 90 31.34 17.33 -20.60
N LYS A 91 30.74 16.60 -21.54
CA LYS A 91 29.45 17.01 -22.06
C LYS A 91 28.30 16.60 -21.15
N LEU A 92 28.43 15.48 -20.43
CA LEU A 92 27.31 14.96 -19.67
C LEU A 92 27.22 15.54 -18.27
N LYS A 93 28.36 15.74 -17.59
CA LYS A 93 28.29 16.17 -16.19
C LYS A 93 27.61 17.50 -16.01
N PRO A 94 27.89 18.53 -16.79
CA PRO A 94 27.21 19.81 -16.53
C PRO A 94 25.70 19.70 -16.68
N VAL A 95 25.22 18.95 -17.66
CA VAL A 95 23.77 18.76 -17.82
C VAL A 95 23.23 18.06 -16.59
N TYR A 96 23.85 16.93 -16.23
CA TYR A 96 23.42 16.17 -15.05
C TYR A 96 23.37 17.05 -13.81
N ASP A 97 24.44 17.80 -13.56
CA ASP A 97 24.44 18.68 -12.39
C ASP A 97 23.24 19.61 -12.43
N SER A 98 22.86 20.07 -13.62
CA SER A 98 21.82 21.08 -13.71
C SER A 98 20.42 20.52 -13.45
N LEU A 99 20.28 19.19 -13.50
CA LEU A 99 18.97 18.59 -13.56
C LEU A 99 18.47 18.24 -12.16
N ASP A 100 17.16 18.35 -12.00
CA ASP A 100 16.46 17.80 -10.86
C ASP A 100 16.61 16.28 -10.82
N ALA A 101 16.18 15.72 -9.69
CA ALA A 101 16.42 14.32 -9.38
C ALA A 101 15.71 13.37 -10.35
N VAL A 102 14.50 13.73 -10.78
CA VAL A 102 13.76 12.88 -11.69
C VAL A 102 14.42 12.86 -13.06
N ARG A 103 14.76 14.05 -13.58
CA ARG A 103 15.38 14.16 -14.90
C ARG A 103 16.79 13.61 -14.87
N ARG A 104 17.45 13.65 -13.71
CA ARG A 104 18.74 12.96 -13.57
C ARG A 104 18.60 11.47 -13.79
N ALA A 105 17.49 10.89 -13.31
CA ALA A 105 17.27 9.46 -13.52
C ALA A 105 17.06 9.15 -15.00
N ALA A 106 16.38 10.03 -15.72
CA ALA A 106 16.21 9.83 -17.14
C ALA A 106 17.55 9.85 -17.89
N LEU A 107 18.46 10.74 -17.49
CA LEU A 107 19.79 10.77 -18.11
C LEU A 107 20.62 9.52 -17.77
N ILE A 108 20.53 9.06 -16.52
CA ILE A 108 21.22 7.81 -16.17
C ILE A 108 20.63 6.65 -16.95
N ASN A 109 19.31 6.65 -17.10
CA ASN A 109 18.68 5.59 -17.87
C ASN A 109 19.29 5.49 -19.28
N MET A 110 19.37 6.61 -19.99
CA MET A 110 19.96 6.64 -21.32
C MET A 110 21.41 6.16 -21.31
N VAL A 111 22.22 6.62 -20.35
CA VAL A 111 23.62 6.17 -20.31
C VAL A 111 23.69 4.66 -20.02
N PHE A 112 22.87 4.19 -19.08
CA PHE A 112 22.74 2.75 -18.84
C PHE A 112 22.41 1.99 -20.10
N GLN A 113 21.50 2.53 -20.94
CA GLN A 113 21.13 1.78 -22.14
C GLN A 113 22.19 1.88 -23.24
N MET A 114 22.77 3.06 -23.43
CA MET A 114 23.54 3.33 -24.63
C MET A 114 25.03 3.54 -24.39
N GLY A 115 25.46 3.76 -23.17
CA GLY A 115 26.84 4.10 -22.84
C GLY A 115 27.10 5.60 -22.88
N GLU A 116 28.09 6.01 -22.10
CA GLU A 116 28.34 7.44 -21.92
C GLU A 116 28.57 8.11 -23.26
N THR A 117 29.35 7.44 -24.13
CA THR A 117 29.77 8.00 -25.40
C THR A 117 28.59 8.19 -26.33
N GLY A 118 27.71 7.19 -26.38
CA GLY A 118 26.50 7.30 -27.16
C GLY A 118 25.62 8.46 -26.72
N VAL A 119 25.38 8.59 -25.42
CA VAL A 119 24.52 9.67 -24.94
C VAL A 119 25.20 11.02 -25.18
N ALA A 120 26.51 11.08 -24.99
CA ALA A 120 27.23 12.33 -25.21
C ALA A 120 27.13 12.79 -26.64
N GLY A 121 26.77 11.93 -27.58
CA GLY A 121 26.56 12.36 -28.95
C GLY A 121 25.30 13.18 -29.18
N PHE A 122 24.40 13.27 -28.20
CA PHE A 122 23.15 14.00 -28.41
C PHE A 122 23.37 15.46 -28.04
N THR A 123 24.25 16.12 -28.78
CA THR A 123 24.77 17.41 -28.32
C THR A 123 23.67 18.46 -28.18
N ASN A 124 22.82 18.60 -29.19
CA ASN A 124 21.79 19.64 -29.14
C ASN A 124 20.75 19.34 -28.08
N SER A 125 20.32 18.08 -27.97
CA SER A 125 19.32 17.74 -26.97
C SER A 125 19.86 17.99 -25.57
N LEU A 126 21.14 17.68 -25.37
CA LEU A 126 21.78 17.90 -24.09
C LEU A 126 21.79 19.37 -23.73
N ARG A 127 22.20 20.21 -24.70
CA ARG A 127 22.13 21.66 -24.55
C ARG A 127 20.73 22.13 -24.15
N MET A 128 19.72 21.62 -24.84
CA MET A 128 18.37 22.03 -24.51
C MET A 128 17.99 21.62 -23.11
N LEU A 129 18.44 20.45 -22.66
CA LEU A 129 18.14 20.04 -21.29
C LEU A 129 18.79 20.97 -20.28
N GLN A 130 20.04 21.33 -20.51
CA GLN A 130 20.73 22.20 -19.57
C GLN A 130 20.06 23.57 -19.54
N GLN A 131 19.45 23.99 -20.66
CA GLN A 131 18.73 25.24 -20.75
C GLN A 131 17.28 25.13 -20.29
N LYS A 132 16.85 23.93 -19.86
CA LYS A 132 15.50 23.69 -19.34
C LYS A 132 14.44 23.85 -20.41
N ARG A 133 14.84 23.63 -21.66
CA ARG A 133 13.91 23.67 -22.78
C ARG A 133 13.36 22.27 -23.05
N TRP A 134 12.50 21.83 -22.12
CA TRP A 134 12.19 20.39 -22.05
C TRP A 134 11.38 19.92 -23.25
N ASP A 135 10.38 20.68 -23.70
CA ASP A 135 9.60 20.24 -24.84
C ASP A 135 10.47 20.15 -26.09
N GLU A 136 11.40 21.10 -26.24
CA GLU A 136 12.25 21.14 -27.42
C GLU A 136 13.32 20.05 -27.39
N ALA A 137 13.86 19.73 -26.21
CA ALA A 137 14.68 18.53 -26.12
C ALA A 137 13.89 17.27 -26.53
N ALA A 138 12.67 17.15 -26.03
CA ALA A 138 11.88 15.95 -26.28
C ALA A 138 11.59 15.78 -27.75
N VAL A 139 11.15 16.85 -28.41
CA VAL A 139 10.92 16.79 -29.85
C VAL A 139 12.20 16.35 -30.57
N ASN A 140 13.36 16.83 -30.11
CA ASN A 140 14.62 16.49 -30.78
C ASN A 140 14.96 15.01 -30.61
N LEU A 141 14.86 14.46 -29.38
CA LEU A 141 15.23 13.08 -29.12
C LEU A 141 14.32 12.09 -29.83
N ALA A 142 13.05 12.44 -29.99
CA ALA A 142 12.11 11.53 -30.59
C ALA A 142 12.37 11.22 -32.06
N LYS A 143 13.19 11.99 -32.76
CA LYS A 143 13.44 11.71 -34.18
C LYS A 143 14.56 10.70 -34.38
N SER A 144 15.24 10.31 -33.32
CA SER A 144 16.51 9.60 -33.43
C SER A 144 16.35 8.11 -33.72
N ILE A 145 17.45 7.53 -34.20
CA ILE A 145 17.55 6.08 -34.30
C ILE A 145 17.40 5.43 -32.92
N TRP A 146 17.94 6.04 -31.88
CA TRP A 146 17.71 5.52 -30.53
C TRP A 146 16.23 5.30 -30.26
N TYR A 147 15.42 6.34 -30.48
CA TYR A 147 13.97 6.24 -30.27
C TYR A 147 13.34 5.14 -31.14
N ASN A 148 13.71 5.12 -32.42
CA ASN A 148 13.16 4.16 -33.37
C ASN A 148 13.48 2.73 -32.96
N GLN A 149 14.64 2.51 -32.35
CA GLN A 149 14.99 1.16 -31.93
C GLN A 149 14.12 0.65 -30.78
N THR A 150 13.85 1.47 -29.77
CA THR A 150 13.07 1.07 -28.58
C THR A 150 12.10 2.18 -28.24
N PRO A 151 11.06 2.37 -29.07
CA PRO A 151 10.22 3.56 -28.93
C PRO A 151 9.40 3.61 -27.66
N ASN A 152 8.93 2.48 -27.13
CA ASN A 152 8.14 2.53 -25.89
C ASN A 152 9.01 3.02 -24.75
N ARG A 153 10.21 2.44 -24.66
CA ARG A 153 11.13 2.85 -23.63
C ARG A 153 11.57 4.30 -23.82
N ALA A 154 12.01 4.67 -25.02
CA ALA A 154 12.48 6.02 -25.27
C ALA A 154 11.38 7.04 -24.99
N LYS A 155 10.13 6.70 -25.32
CA LYS A 155 9.05 7.64 -25.04
C LYS A 155 8.88 7.86 -23.53
N ARG A 156 8.98 6.79 -22.73
CA ARG A 156 8.93 6.95 -21.28
C ARG A 156 10.04 7.87 -20.80
N VAL A 157 11.27 7.65 -21.29
CA VAL A 157 12.40 8.48 -20.89
C VAL A 157 12.18 9.94 -21.29
N ILE A 158 11.76 10.17 -22.54
CA ILE A 158 11.55 11.52 -23.05
C ILE A 158 10.41 12.22 -22.32
N THR A 159 9.31 11.51 -22.09
CA THR A 159 8.23 12.11 -21.32
C THR A 159 8.67 12.45 -19.90
N THR A 160 9.57 11.66 -19.30
CA THR A 160 10.16 12.05 -18.04
C THR A 160 10.96 13.34 -18.17
N PHE A 161 11.72 13.51 -19.27
CA PHE A 161 12.39 14.80 -19.44
C PHE A 161 11.36 15.92 -19.59
N ARG A 162 10.25 15.65 -20.25
CA ARG A 162 9.30 16.73 -20.51
C ARG A 162 8.63 17.20 -19.22
N THR A 163 8.14 16.29 -18.40
CA THR A 163 7.30 16.68 -17.27
C THR A 163 8.05 16.81 -15.95
N GLY A 164 9.17 16.12 -15.80
CA GLY A 164 9.83 16.07 -14.51
C GLY A 164 9.10 15.29 -13.45
N THR A 165 8.14 14.44 -13.82
CA THR A 165 7.46 13.56 -12.91
C THR A 165 7.66 12.11 -13.33
N TRP A 166 7.18 11.17 -12.49
CA TRP A 166 7.22 9.74 -12.75
C TRP A 166 5.96 9.22 -13.47
N ASP A 167 5.16 10.13 -14.05
CA ASP A 167 3.88 9.72 -14.62
C ASP A 167 4.00 8.64 -15.68
N ALA A 168 5.07 8.63 -16.49
CA ALA A 168 5.21 7.63 -17.55
C ALA A 168 5.60 6.23 -17.04
N TYR A 169 5.91 6.10 -15.76
CA TYR A 169 6.28 4.82 -15.17
C TYR A 169 5.20 4.26 -14.25
N HIS A 170 4.03 4.89 -14.22
CA HIS A 170 2.85 4.39 -13.52
C HIS A 170 1.70 4.14 -14.47
N MET A 171 0.78 3.29 -14.02
CA MET A 171 -0.46 3.05 -14.73
C MET A 171 -0.19 2.64 -16.17
N LEU A 172 0.73 1.67 -16.33
CA LEU A 172 1.12 1.20 -17.64
C LEU A 172 0.11 0.17 -18.15
N ARG A 173 -0.47 0.43 -19.31
CA ARG A 173 -1.51 -0.43 -19.84
C ARG A 173 -1.40 -0.68 -21.32
N LYS A 174 -0.81 0.24 -22.09
CA LYS A 174 -0.92 0.18 -23.55
C LYS A 174 -0.18 -1.02 -24.13
N GLN A 175 1.02 -1.31 -23.61
CA GLN A 175 1.80 -2.42 -24.16
C GLN A 175 1.02 -3.73 -24.06
N ARG A 176 0.27 -3.92 -22.99
CA ARG A 176 -0.50 -5.16 -22.86
C ARG A 176 -1.67 -5.22 -23.84
N PHE A 177 -2.37 -4.11 -24.04
CA PHE A 177 -3.38 -4.06 -25.07
C PHE A 177 -2.80 -4.47 -26.41
N MET A 178 -1.66 -3.90 -26.79
CA MET A 178 -1.04 -4.20 -28.07
C MET A 178 -0.65 -5.67 -28.16
N GLN A 179 -0.13 -6.24 -27.06
CA GLN A 179 0.14 -7.66 -27.08
C GLN A 179 -1.05 -8.45 -27.61
N PHE A 180 -2.26 -8.14 -27.16
CA PHE A 180 -3.41 -8.98 -27.41
C PHE A 180 -4.30 -8.50 -28.56
N SER A 181 -4.18 -7.26 -28.98
CA SER A 181 -4.99 -6.75 -30.08
C SER A 181 -4.65 -7.50 -31.35
N SER A 182 -5.69 -7.97 -32.06
CA SER A 182 -5.51 -8.78 -33.25
C SER A 182 -5.86 -8.04 -34.52
N LEU A 183 -6.27 -6.77 -34.40
CA LEU A 183 -6.74 -6.01 -35.54
C LEU A 183 -6.12 -4.63 -35.56
N GLU A 184 -6.00 -4.06 -36.76
CA GLU A 184 -5.47 -2.72 -36.96
C GLU A 184 -6.26 -2.03 -38.05
N HIS A 185 -6.43 -0.72 -37.91
CA HIS A 185 -7.13 0.08 -38.92
C HIS A 185 -6.53 1.47 -38.89
N GLU A 186 -5.85 1.84 -39.97
CA GLU A 186 -5.31 3.20 -40.15
C GLU A 186 -4.44 3.59 -38.96
N GLY A 187 -3.53 2.69 -38.57
CA GLY A 187 -2.63 2.95 -37.49
C GLY A 187 -3.16 2.71 -36.09
N GLU A 188 -4.46 2.49 -35.92
CA GLU A 188 -5.04 2.23 -34.60
C GLU A 188 -5.33 0.74 -34.43
N TYR A 189 -4.95 0.20 -33.28
CA TYR A 189 -5.17 -1.21 -32.97
C TYR A 189 -6.44 -1.42 -32.16
N TYR A 190 -7.04 -2.60 -32.38
CA TYR A 190 -8.33 -2.92 -31.80
C TYR A 190 -8.31 -4.33 -31.29
N MET A 191 -9.06 -4.58 -30.23
CA MET A 191 -9.32 -5.91 -29.76
C MET A 191 -10.67 -6.41 -30.25
N THR A 192 -10.75 -7.73 -30.51
CA THR A 192 -12.05 -8.39 -30.56
C THR A 192 -12.49 -8.71 -29.14
N PRO A 193 -13.78 -8.95 -28.94
CA PRO A 193 -14.21 -9.44 -27.60
C PRO A 193 -13.41 -10.64 -27.15
N ARG A 194 -13.01 -11.53 -28.09
CA ARG A 194 -12.19 -12.68 -27.72
C ARG A 194 -10.79 -12.28 -27.24
N ASP A 195 -10.15 -11.32 -27.93
CA ASP A 195 -8.86 -10.82 -27.48
C ASP A 195 -8.98 -10.26 -26.07
N PHE A 196 -10.06 -9.50 -25.82
CA PHE A 196 -10.22 -8.88 -24.51
C PHE A 196 -10.34 -9.93 -23.42
N LEU A 197 -11.21 -10.93 -23.62
CA LEU A 197 -11.34 -12.00 -22.65
C LEU A 197 -10.00 -12.67 -22.38
N PHE A 198 -9.22 -12.96 -23.41
CA PHE A 198 -7.92 -13.60 -23.20
C PHE A 198 -6.97 -12.71 -22.41
N SER A 199 -6.99 -11.41 -22.69
CA SER A 199 -6.13 -10.46 -21.99
C SER A 199 -6.46 -10.38 -20.51
N VAL A 200 -7.69 -10.74 -20.13
CA VAL A 200 -8.09 -10.67 -18.72
C VAL A 200 -7.64 -11.92 -17.97
N MET A 201 -7.72 -13.05 -18.61
CA MET A 201 -7.50 -14.30 -17.92
C MET A 201 -6.08 -14.80 -17.98
N PHE A 202 -5.36 -14.51 -19.06
CA PHE A 202 -4.07 -15.13 -19.28
C PHE A 202 -2.94 -14.13 -19.08
N GLU A 203 -1.81 -14.67 -18.61
CA GLU A 203 -0.56 -13.91 -18.62
C GLU A 203 -0.14 -13.57 -20.05
N GLN A 204 -0.09 -14.58 -20.93
CA GLN A 204 0.13 -14.38 -22.35
C GLN A 204 -0.23 -15.69 -23.06
N MET A 205 -0.32 -15.61 -24.40
CA MET A 205 -0.65 -16.77 -25.22
C MET A 205 0.62 -17.35 -25.87
N THR A 209 0.15 -13.36 -31.35
CA THR A 209 -0.89 -12.72 -32.14
C THR A 209 -0.33 -12.34 -33.52
N SER A 210 -1.16 -12.49 -34.55
CA SER A 210 -0.76 -12.20 -35.94
C SER A 210 -1.69 -11.14 -36.53
N VAL A 211 -1.45 -9.89 -36.15
CA VAL A 211 -2.39 -8.80 -36.39
C VAL A 211 -2.86 -8.74 -37.83
N LYS A 212 -4.12 -8.34 -38.01
CA LYS A 212 -4.75 -8.26 -39.31
C LYS A 212 -5.27 -6.85 -39.54
N LYS A 213 -5.07 -6.34 -40.75
CA LYS A 213 -5.64 -5.05 -41.09
C LYS A 213 -7.13 -5.18 -41.38
N LEU A 214 -7.82 -4.05 -41.33
CA LEU A 214 -9.24 -3.99 -41.63
C LEU A 214 -9.53 -2.91 -42.66
N THR A 215 -10.26 -3.30 -43.71
CA THR A 215 -10.88 -2.31 -44.57
C THR A 215 -12.17 -1.81 -43.93
N LYS A 216 -12.70 -0.70 -44.47
CA LYS A 216 -13.97 -0.18 -44.00
C LYS A 216 -15.08 -1.23 -44.12
N LYS A 217 -14.95 -2.16 -45.07
CA LYS A 217 -15.94 -3.22 -45.24
C LYS A 217 -15.78 -4.30 -44.17
N ASP A 218 -14.54 -4.72 -43.90
CA ASP A 218 -14.28 -5.58 -42.75
C ASP A 218 -14.94 -5.02 -41.49
N ILE A 219 -14.89 -3.71 -41.28
CA ILE A 219 -15.49 -3.15 -40.06
C ILE A 219 -17.00 -3.40 -40.05
N GLU A 220 -17.70 -2.95 -41.09
CA GLU A 220 -19.16 -3.06 -41.09
C GLU A 220 -19.60 -4.48 -40.79
N ASP A 221 -18.97 -5.47 -41.44
CA ASP A 221 -19.39 -6.85 -41.25
C ASP A 221 -18.98 -7.39 -39.88
N THR A 222 -17.81 -6.98 -39.38
CA THR A 222 -17.42 -7.39 -38.03
C THR A 222 -18.45 -6.88 -37.03
N LEU A 223 -18.79 -5.59 -37.12
CA LEU A 223 -19.82 -5.00 -36.27
C LEU A 223 -21.22 -5.56 -36.55
N SER A 224 -21.37 -6.36 -37.59
CA SER A 224 -22.68 -6.88 -37.95
C SER A 224 -23.10 -7.98 -36.98
N GLY A 225 -24.39 -8.02 -36.67
CA GLY A 225 -24.96 -9.13 -35.93
C GLY A 225 -25.09 -8.94 -34.44
N ILE A 226 -24.87 -7.73 -33.92
CA ILE A 226 -24.83 -7.54 -32.49
C ILE A 226 -26.13 -8.00 -31.84
N GLN A 227 -27.26 -7.83 -32.54
CA GLN A 227 -28.54 -8.26 -31.99
C GLN A 227 -28.66 -9.76 -31.85
N THR A 228 -27.78 -10.53 -32.44
CA THR A 228 -27.84 -11.97 -32.26
C THR A 228 -27.11 -12.45 -31.00
N ALA A 229 -26.22 -11.64 -30.44
CA ALA A 229 -25.49 -12.05 -29.23
C ALA A 229 -26.41 -12.09 -27.99
N GLY A 230 -26.00 -12.86 -26.99
CA GLY A 230 -26.73 -12.90 -25.76
C GLY A 230 -26.69 -11.55 -25.08
N CYS A 231 -27.79 -11.22 -24.39
CA CYS A 231 -27.90 -9.90 -23.81
C CYS A 231 -27.26 -9.81 -22.43
N GLY A 232 -26.86 -10.94 -21.85
CA GLY A 232 -26.39 -11.01 -20.49
C GLY A 232 -24.92 -11.32 -20.36
N SER A 233 -24.62 -12.31 -19.52
CA SER A 233 -23.27 -12.69 -19.15
C SER A 233 -22.58 -13.58 -20.18
N THR A 234 -23.20 -13.83 -21.34
CA THR A 234 -22.50 -14.49 -22.44
C THR A 234 -22.23 -13.56 -23.61
N PHE A 235 -22.39 -12.23 -23.42
CA PHE A 235 -22.28 -11.30 -24.53
C PHE A 235 -20.92 -11.36 -25.24
N PHE A 236 -19.84 -11.28 -24.48
CA PHE A 236 -18.50 -11.29 -25.06
C PHE A 236 -18.14 -12.64 -25.65
N ARG A 237 -18.46 -13.71 -24.93
CA ARG A 237 -18.19 -15.06 -25.42
C ARG A 237 -19.02 -15.38 -26.66
N ASP A 238 -20.23 -14.82 -26.77
CA ASP A 238 -21.05 -15.04 -27.96
C ASP A 238 -20.48 -14.29 -29.16
N LEU A 239 -19.94 -13.10 -28.94
CA LEU A 239 -19.37 -12.35 -30.05
C LEU A 239 -18.05 -12.96 -30.53
N GLY A 240 -17.22 -13.41 -29.60
CA GLY A 240 -15.93 -13.96 -29.93
C GLY A 240 -15.10 -13.01 -30.77
N ASP A 241 -14.78 -13.40 -31.99
CA ASP A 241 -14.00 -12.52 -32.83
C ASP A 241 -14.86 -11.54 -33.62
N LYS A 242 -16.19 -11.54 -33.44
CA LYS A 242 -17.05 -10.60 -34.15
C LYS A 242 -17.35 -9.32 -33.36
N GLY A 243 -16.34 -8.47 -33.26
CA GLY A 243 -16.53 -7.17 -32.65
C GLY A 243 -15.25 -6.38 -32.73
N LEU A 244 -15.35 -5.14 -32.22
CA LEU A 244 -14.22 -4.23 -32.14
C LEU A 244 -14.29 -3.43 -30.84
N ILE A 245 -13.12 -3.29 -30.20
CA ILE A 245 -12.94 -2.57 -28.95
C ILE A 245 -11.71 -1.69 -29.09
N SER A 246 -11.88 -0.41 -28.91
CA SER A 246 -10.78 0.52 -29.01
C SER A 246 -9.95 0.49 -27.73
N TYR A 247 -8.77 1.13 -27.79
CA TYR A 247 -7.93 1.20 -26.58
C TYR A 247 -8.67 1.89 -25.44
N THR A 248 -9.33 3.00 -25.73
CA THR A 248 -10.03 3.73 -24.67
C THR A 248 -11.16 2.89 -24.09
N GLU A 249 -11.86 2.11 -24.94
CA GLU A 249 -12.91 1.25 -24.44
C GLU A 249 -12.32 0.12 -23.61
N TYR A 250 -11.17 -0.38 -24.03
CA TYR A 250 -10.43 -1.36 -23.22
C TYR A 250 -10.16 -0.84 -21.82
N LEU A 251 -9.61 0.39 -21.70
CA LEU A 251 -9.41 0.99 -20.39
C LEU A 251 -10.74 1.09 -19.61
N PHE A 252 -11.79 1.59 -20.23
CA PHE A 252 -13.11 1.62 -19.58
C PHE A 252 -13.54 0.23 -19.10
N LEU A 253 -13.36 -0.80 -19.93
CA LEU A 253 -13.74 -2.13 -19.52
C LEU A 253 -12.91 -2.60 -18.33
N LEU A 254 -11.61 -2.27 -18.33
CA LEU A 254 -10.79 -2.57 -17.16
C LEU A 254 -11.35 -1.91 -15.90
N THR A 255 -11.74 -0.64 -15.99
CA THR A 255 -12.30 0.01 -14.80
C THR A 255 -13.58 -0.70 -14.32
N ILE A 256 -14.40 -1.18 -15.26
CA ILE A 256 -15.61 -1.88 -14.83
C ILE A 256 -15.28 -3.10 -14.00
N LEU A 257 -14.25 -3.85 -14.40
CA LEU A 257 -14.06 -5.17 -13.83
C LEU A 257 -13.70 -5.11 -12.36
N THR A 258 -13.01 -4.06 -11.95
CA THR A 258 -12.55 -3.92 -10.58
C THR A 258 -13.57 -3.15 -9.76
N LYS A 259 -14.66 -2.75 -10.37
CA LYS A 259 -15.47 -1.69 -9.78
C LYS A 259 -16.42 -2.27 -8.75
N PRO A 260 -16.43 -1.73 -7.53
CA PRO A 260 -17.44 -2.13 -6.56
C PRO A 260 -18.79 -1.64 -6.99
N HIS A 261 -19.80 -2.39 -6.59
CA HIS A 261 -21.19 -1.99 -6.84
C HIS A 261 -21.45 -0.60 -6.30
N SER A 262 -20.85 -0.29 -5.15
CA SER A 262 -20.99 0.99 -4.50
C SER A 262 -20.65 2.13 -5.44
N GLY A 263 -19.77 1.88 -6.40
CA GLY A 263 -19.32 2.91 -7.31
C GLY A 263 -20.02 2.93 -8.66
N PHE A 264 -21.05 2.10 -8.85
CA PHE A 264 -21.66 1.98 -10.17
C PHE A 264 -22.33 3.30 -10.60
N HIS A 265 -23.09 3.95 -9.72
CA HIS A 265 -23.80 5.15 -10.15
C HIS A 265 -22.85 6.32 -10.38
N VAL A 266 -21.87 6.48 -9.50
CA VAL A 266 -20.82 7.47 -9.72
C VAL A 266 -20.20 7.32 -11.10
N ALA A 267 -19.89 6.07 -11.48
CA ALA A 267 -19.30 5.84 -12.80
C ALA A 267 -20.21 6.34 -13.89
N PHE A 268 -21.52 6.12 -13.74
CA PHE A 268 -22.49 6.62 -14.71
C PHE A 268 -22.46 8.14 -14.76
N LYS A 269 -22.58 8.77 -13.60
CA LYS A 269 -22.60 10.22 -13.46
C LYS A 269 -21.33 10.86 -13.97
N MET A 270 -20.18 10.21 -13.80
CA MET A 270 -18.96 10.79 -14.38
C MET A 270 -19.10 10.98 -15.90
N LEU A 271 -19.80 10.08 -16.59
CA LEU A 271 -19.96 10.14 -18.04
C LEU A 271 -21.08 11.05 -18.47
N ASP A 272 -22.08 11.22 -17.61
CA ASP A 272 -23.24 12.07 -17.88
C ASP A 272 -22.87 13.55 -17.69
N THR A 273 -22.11 14.08 -18.66
CA THR A 273 -21.55 15.42 -18.48
C THR A 273 -22.58 16.54 -18.62
N ASP A 274 -23.78 16.28 -19.13
CA ASP A 274 -24.81 17.32 -19.14
C ASP A 274 -25.83 17.08 -18.06
N GLY A 275 -25.66 16.05 -17.24
CA GLY A 275 -26.50 15.86 -16.07
C GLY A 275 -27.93 15.45 -16.30
N ASN A 276 -28.26 14.86 -17.45
CA ASN A 276 -29.64 14.54 -17.76
C ASN A 276 -29.96 13.06 -17.55
N GLU A 277 -29.11 12.34 -16.80
CA GLU A 277 -29.33 10.96 -16.40
C GLU A 277 -29.34 9.98 -17.57
N MET A 278 -28.72 10.34 -18.67
CA MET A 278 -28.55 9.43 -19.80
C MET A 278 -27.20 9.70 -20.43
N ILE A 279 -26.57 8.67 -20.95
CA ILE A 279 -25.32 8.86 -21.67
C ILE A 279 -25.60 8.81 -23.16
N GLU A 280 -25.16 9.84 -23.86
CA GLU A 280 -25.23 9.92 -25.30
C GLU A 280 -23.89 9.55 -25.91
N LYS A 281 -23.93 9.08 -27.16
CA LYS A 281 -22.71 8.73 -27.88
C LYS A 281 -21.65 9.82 -27.80
N ARG A 282 -22.07 11.09 -27.88
CA ARG A 282 -21.09 12.18 -27.82
C ARG A 282 -20.46 12.33 -26.44
N GLU A 283 -21.15 11.91 -25.37
CA GLU A 283 -20.57 11.94 -24.04
C GLU A 283 -19.61 10.77 -23.82
N PHE A 284 -19.84 9.65 -24.51
CA PHE A 284 -18.90 8.55 -24.50
C PHE A 284 -17.68 8.91 -25.31
N PHE A 285 -17.87 9.80 -26.29
CA PHE A 285 -16.78 10.28 -27.13
C PHE A 285 -15.73 10.98 -26.31
N LYS A 286 -16.14 11.74 -25.28
CA LYS A 286 -15.19 12.38 -24.40
C LYS A 286 -14.18 11.37 -23.82
N LEU A 287 -14.52 10.07 -23.80
CA LEU A 287 -13.58 9.02 -23.34
C LEU A 287 -12.42 8.92 -24.35
N ILE A 317 -15.45 4.17 -37.76
CA ILE A 317 -14.91 4.17 -36.40
C ILE A 317 -15.95 3.68 -35.39
N ASN A 318 -16.99 2.96 -35.85
CA ASN A 318 -17.97 2.39 -34.92
C ASN A 318 -17.34 1.21 -34.16
N THR A 319 -17.87 0.94 -32.98
CA THR A 319 -17.34 -0.14 -32.13
C THR A 319 -18.50 -0.94 -31.54
N THR A 320 -18.16 -2.09 -30.98
CA THR A 320 -19.17 -2.94 -30.37
C THR A 320 -19.89 -2.22 -29.25
N LEU A 321 -19.13 -1.63 -28.32
CA LEU A 321 -19.79 -0.95 -27.20
C LEU A 321 -20.64 0.22 -27.69
N GLN A 322 -20.15 0.99 -28.66
CA GLN A 322 -20.96 2.12 -29.11
C GLN A 322 -22.27 1.62 -29.75
N MET A 323 -22.19 0.53 -30.48
CA MET A 323 -23.41 0.03 -31.13
C MET A 323 -24.40 -0.50 -30.12
N ARG A 324 -23.89 -1.17 -29.08
CA ARG A 324 -24.72 -1.74 -28.04
C ARG A 324 -25.35 -0.67 -27.17
N PHE A 325 -24.62 0.42 -26.90
CA PHE A 325 -25.12 1.43 -25.98
C PHE A 325 -26.03 2.43 -26.71
N PHE A 326 -25.65 2.81 -27.92
CA PHE A 326 -26.23 3.97 -28.61
C PHE A 326 -26.86 3.58 -29.94
N GLY A 327 -26.88 2.30 -30.26
CA GLY A 327 -27.51 1.85 -31.49
C GLY A 327 -26.61 2.00 -32.69
N LYS A 328 -27.06 1.40 -33.80
CA LYS A 328 -26.27 1.37 -35.02
C LYS A 328 -25.87 2.77 -35.47
N ARG A 329 -26.81 3.70 -35.44
CA ARG A 329 -26.59 5.04 -35.94
C ARG A 329 -26.39 6.04 -34.84
N GLY A 330 -26.01 5.58 -33.64
CA GLY A 330 -25.75 6.50 -32.56
C GLY A 330 -26.95 7.25 -32.04
N GLN A 331 -28.14 6.72 -32.26
CA GLN A 331 -29.38 7.43 -31.99
C GLN A 331 -29.95 7.14 -30.60
N ARG A 332 -29.49 6.11 -29.93
CA ARG A 332 -30.07 5.64 -28.67
C ARG A 332 -29.28 6.28 -27.54
N LYS A 333 -29.99 6.59 -26.47
CA LYS A 333 -29.37 7.08 -25.25
C LYS A 333 -29.30 5.95 -24.23
N LEU A 334 -28.19 5.88 -23.49
CA LEU A 334 -27.97 4.83 -22.50
C LEU A 334 -28.38 5.30 -21.11
N HIS A 335 -29.35 4.60 -20.52
CA HIS A 335 -29.90 4.89 -19.20
C HIS A 335 -29.15 4.09 -18.13
N TYR A 336 -29.36 4.48 -16.87
CA TYR A 336 -28.54 3.91 -15.82
C TYR A 336 -28.80 2.42 -15.65
N LYS A 337 -30.06 2.00 -15.63
CA LYS A 337 -30.29 0.59 -15.35
C LYS A 337 -29.59 -0.33 -16.37
N GLU A 338 -29.63 0.02 -17.66
CA GLU A 338 -28.95 -0.81 -18.65
C GLU A 338 -27.42 -0.76 -18.49
N PHE A 339 -26.90 0.40 -18.15
CA PHE A 339 -25.47 0.56 -17.89
C PHE A 339 -25.04 -0.28 -16.70
N ARG A 340 -25.84 -0.24 -15.62
CA ARG A 340 -25.52 -1.06 -14.46
C ARG A 340 -25.60 -2.54 -14.81
N ARG A 341 -26.63 -2.93 -15.56
CA ARG A 341 -26.74 -4.32 -15.98
C ARG A 341 -25.54 -4.74 -16.81
N PHE A 342 -25.11 -3.89 -17.73
CA PHE A 342 -23.94 -4.21 -18.55
C PHE A 342 -22.74 -4.51 -17.68
N MET A 343 -22.48 -3.65 -16.68
CA MET A 343 -21.32 -3.83 -15.79
C MET A 343 -21.45 -5.12 -14.97
N GLU A 344 -22.62 -5.34 -14.41
CA GLU A 344 -22.85 -6.55 -13.67
C GLU A 344 -22.61 -7.79 -14.53
N ASN A 345 -23.11 -7.77 -15.77
CA ASN A 345 -23.00 -8.95 -16.61
C ASN A 345 -21.57 -9.18 -17.07
N LEU A 346 -20.82 -8.11 -17.31
CA LEU A 346 -19.40 -8.26 -17.63
C LEU A 346 -18.65 -8.90 -16.48
N GLN A 347 -18.85 -8.40 -15.26
CA GLN A 347 -18.22 -9.03 -14.10
C GLN A 347 -18.60 -10.50 -14.00
N THR A 348 -19.90 -10.82 -14.14
CA THR A 348 -20.34 -12.21 -14.12
C THR A 348 -19.68 -13.01 -15.22
N GLU A 349 -19.54 -12.44 -16.43
CA GLU A 349 -18.95 -13.18 -17.53
C GLU A 349 -17.52 -13.58 -17.22
N ILE A 350 -16.73 -12.64 -16.71
CA ILE A 350 -15.33 -12.95 -16.40
C ILE A 350 -15.26 -14.04 -15.33
N GLN A 351 -16.13 -13.95 -14.33
CA GLN A 351 -16.14 -14.94 -13.25
C GLN A 351 -16.53 -16.33 -13.78
N GLU A 352 -17.51 -16.38 -14.67
CA GLU A 352 -17.95 -17.67 -15.21
C GLU A 352 -16.87 -18.26 -16.09
N MET A 353 -16.24 -17.43 -16.90
CA MET A 353 -15.18 -17.92 -17.77
C MET A 353 -13.98 -18.38 -16.98
N GLU A 354 -13.58 -17.63 -15.94
CA GLU A 354 -12.44 -18.04 -15.12
C GLU A 354 -12.76 -19.28 -14.31
N PHE A 355 -13.99 -19.39 -13.82
CA PHE A 355 -14.39 -20.58 -13.09
C PHE A 355 -14.13 -21.83 -13.94
N LEU A 356 -14.56 -21.80 -15.20
CA LEU A 356 -14.42 -22.98 -16.06
C LEU A 356 -13.01 -23.15 -16.56
N GLN A 357 -12.30 -22.05 -16.79
CA GLN A 357 -10.87 -22.12 -17.09
C GLN A 357 -10.14 -22.97 -16.05
N PHE A 358 -10.41 -22.75 -14.76
CA PHE A 358 -9.63 -23.43 -13.73
C PHE A 358 -10.30 -24.70 -13.24
N SER A 359 -11.61 -24.83 -13.40
CA SER A 359 -12.22 -26.13 -13.20
C SER A 359 -11.98 -27.09 -14.37
N LYS A 360 -11.35 -26.63 -15.45
CA LYS A 360 -11.15 -27.43 -16.68
C LYS A 360 -12.47 -27.99 -17.22
N GLY A 361 -13.53 -27.20 -17.04
CA GLY A 361 -14.85 -27.54 -17.55
C GLY A 361 -15.74 -28.33 -16.62
N LEU A 362 -15.25 -28.80 -15.49
CA LEU A 362 -16.08 -29.44 -14.50
C LEU A 362 -17.00 -28.44 -13.82
N SER A 363 -18.08 -28.95 -13.28
CA SER A 363 -19.15 -28.13 -12.74
C SER A 363 -18.80 -27.52 -11.40
N PHE A 364 -17.85 -28.10 -10.69
CA PHE A 364 -17.35 -27.61 -9.43
C PHE A 364 -15.84 -27.45 -9.54
N MET A 365 -15.32 -26.46 -8.85
CA MET A 365 -13.89 -26.38 -8.67
C MET A 365 -13.45 -27.32 -7.57
N ARG A 366 -12.32 -28.04 -7.76
CA ARG A 366 -11.66 -28.60 -6.60
C ARG A 366 -11.04 -27.47 -5.77
N LYS A 367 -10.82 -27.74 -4.49
CA LYS A 367 -10.11 -26.77 -3.67
C LYS A 367 -8.78 -26.40 -4.29
N GLU A 368 -8.08 -27.41 -4.85
CA GLU A 368 -6.81 -27.15 -5.53
C GLU A 368 -6.99 -26.30 -6.79
N ASP A 369 -8.11 -26.48 -7.50
CA ASP A 369 -8.44 -25.63 -8.63
C ASP A 369 -8.65 -24.18 -8.19
N PHE A 370 -9.37 -23.98 -7.09
CA PHE A 370 -9.51 -22.64 -6.53
C PHE A 370 -8.16 -22.08 -6.12
N ALA A 371 -7.31 -22.90 -5.50
CA ALA A 371 -5.97 -22.46 -5.16
C ALA A 371 -5.19 -22.07 -6.42
N GLU A 372 -5.35 -22.85 -7.49
CA GLU A 372 -4.64 -22.54 -8.73
C GLU A 372 -5.07 -21.20 -9.30
N TRP A 373 -6.38 -20.95 -9.33
CA TRP A 373 -6.90 -19.64 -9.73
C TRP A 373 -6.28 -18.54 -8.89
N LEU A 374 -6.33 -18.69 -7.55
CA LEU A 374 -5.94 -17.64 -6.63
C LEU A 374 -4.47 -17.28 -6.76
N LEU A 375 -3.62 -18.28 -6.98
CA LEU A 375 -2.17 -18.14 -7.01
C LEU A 375 -1.62 -17.93 -8.42
N PHE A 376 -2.51 -17.77 -9.41
CA PHE A 376 -2.13 -17.89 -10.82
C PHE A 376 -1.15 -16.83 -11.26
N PHE A 377 -1.17 -15.64 -10.65
CA PHE A 377 -0.20 -14.60 -10.96
C PHE A 377 0.87 -14.42 -9.89
N THR A 378 1.05 -15.36 -8.96
CA THR A 378 2.09 -15.22 -7.96
C THR A 378 3.46 -15.61 -8.51
N ASN A 379 4.52 -15.06 -7.92
CA ASN A 379 5.89 -15.21 -8.39
C ASN A 379 6.66 -16.31 -7.63
N THR A 380 7.83 -16.66 -8.18
CA THR A 380 8.38 -18.00 -8.03
C THR A 380 8.68 -18.39 -6.57
N GLU A 381 9.38 -17.55 -5.81
CA GLU A 381 9.74 -17.95 -4.44
C GLU A 381 8.49 -18.07 -3.57
N ASN A 382 7.68 -17.03 -3.53
CA ASN A 382 6.47 -17.05 -2.72
C ASN A 382 5.52 -18.12 -3.21
N LYS A 383 5.42 -18.30 -4.54
CA LYS A 383 4.54 -19.32 -5.09
C LYS A 383 4.91 -20.72 -4.59
N ASP A 384 6.20 -20.99 -4.38
CA ASP A 384 6.55 -22.34 -3.93
C ASP A 384 6.13 -22.57 -2.49
N ILE A 385 6.12 -21.53 -1.66
CA ILE A 385 5.64 -21.68 -0.29
C ILE A 385 4.13 -21.94 -0.27
N TYR A 386 3.36 -21.18 -1.06
CA TYR A 386 1.89 -21.35 -1.04
C TYR A 386 1.50 -22.74 -1.51
N TRP A 387 2.16 -23.23 -2.58
CA TRP A 387 1.87 -24.55 -3.11
C TRP A 387 2.30 -25.64 -2.15
N LYS A 388 3.45 -25.49 -1.50
CA LYS A 388 3.79 -26.43 -0.44
C LYS A 388 2.61 -26.52 0.53
N ASN A 389 2.07 -25.38 0.93
CA ASN A 389 0.94 -25.37 1.87
C ASN A 389 -0.27 -26.03 1.25
N VAL A 390 -0.47 -25.84 -0.07
CA VAL A 390 -1.58 -26.51 -0.74
C VAL A 390 -1.40 -28.02 -0.69
N ARG A 391 -0.28 -28.52 -1.25
CA ARG A 391 -0.03 -29.97 -1.28
C ARG A 391 -0.16 -30.60 0.09
N GLU A 392 0.43 -29.96 1.12
CA GLU A 392 0.60 -30.62 2.41
C GLU A 392 -0.58 -30.43 3.36
N LYS A 393 -1.37 -29.35 3.21
CA LYS A 393 -2.41 -29.09 4.18
C LYS A 393 -3.84 -29.24 3.69
N LEU A 394 -4.09 -29.15 2.40
CA LEU A 394 -5.48 -29.17 1.94
C LEU A 394 -6.04 -30.58 2.01
N SER A 395 -7.31 -30.68 2.38
CA SER A 395 -8.12 -31.89 2.27
C SER A 395 -9.22 -31.64 1.24
N ALA A 396 -9.58 -32.68 0.49
CA ALA A 396 -10.49 -32.49 -0.65
C ALA A 396 -11.83 -31.89 -0.23
N GLY A 397 -12.32 -32.23 0.97
CA GLY A 397 -13.58 -31.69 1.45
C GLY A 397 -14.62 -31.47 0.37
N GLU A 398 -15.46 -30.46 0.53
CA GLU A 398 -16.53 -30.20 -0.41
C GLU A 398 -16.05 -29.28 -1.55
N SER A 399 -16.35 -29.67 -2.79
CA SER A 399 -15.94 -28.89 -3.94
C SER A 399 -16.74 -27.57 -3.99
N ILE A 400 -16.28 -26.69 -4.85
CA ILE A 400 -16.64 -25.28 -4.78
C ILE A 400 -17.54 -24.94 -5.97
N SER A 401 -18.72 -24.48 -5.67
CA SER A 401 -19.68 -24.19 -6.72
C SER A 401 -19.39 -22.85 -7.40
N LEU A 402 -20.01 -22.66 -8.56
CA LEU A 402 -19.90 -21.39 -9.25
C LEU A 402 -20.43 -20.23 -8.40
N ASP A 403 -21.57 -20.42 -7.75
CA ASP A 403 -22.07 -19.35 -6.92
C ASP A 403 -21.11 -19.07 -5.76
N GLU A 404 -20.45 -20.11 -5.20
CA GLU A 404 -19.50 -19.86 -4.12
C GLU A 404 -18.29 -19.10 -4.61
N PHE A 405 -17.79 -19.46 -5.79
CA PHE A 405 -16.69 -18.72 -6.42
C PHE A 405 -17.08 -17.27 -6.65
N LYS A 406 -18.26 -17.04 -7.23
CA LYS A 406 -18.71 -15.69 -7.47
C LYS A 406 -18.75 -14.89 -6.17
N SER A 407 -19.26 -15.49 -5.09
CA SER A 407 -19.29 -14.80 -3.81
C SER A 407 -17.88 -14.41 -3.34
N PHE A 408 -16.90 -15.27 -3.56
CA PHE A 408 -15.54 -14.89 -3.25
C PHE A 408 -15.11 -13.69 -4.10
N CYS A 409 -15.44 -13.72 -5.40
CA CYS A 409 -15.07 -12.60 -6.26
C CYS A 409 -15.70 -11.30 -5.79
N HIS A 410 -16.97 -11.33 -5.35
CA HIS A 410 -17.62 -10.14 -4.84
C HIS A 410 -16.90 -9.60 -3.60
N PHE A 411 -16.44 -10.50 -2.72
CA PHE A 411 -15.66 -10.14 -1.54
C PHE A 411 -14.43 -9.30 -1.89
N THR A 412 -13.81 -9.58 -3.03
CA THR A 412 -12.61 -8.83 -3.39
C THR A 412 -12.91 -7.36 -3.69
N THR A 413 -14.17 -6.95 -3.74
CA THR A 413 -14.46 -5.53 -3.89
C THR A 413 -14.73 -4.88 -2.55
N HIS A 414 -14.48 -5.58 -1.43
CA HIS A 414 -14.66 -5.05 -0.08
C HIS A 414 -13.40 -5.17 0.76
N LEU A 415 -12.24 -5.05 0.13
CA LEU A 415 -11.00 -5.32 0.82
C LEU A 415 -10.55 -4.17 1.73
N GLU A 416 -10.97 -2.94 1.45
CA GLU A 416 -10.72 -1.89 2.44
C GLU A 416 -11.44 -2.19 3.76
N ASP A 417 -12.71 -2.58 3.67
CA ASP A 417 -13.44 -2.95 4.88
C ASP A 417 -12.75 -4.12 5.57
N PHE A 418 -12.30 -5.11 4.79
CA PHE A 418 -11.66 -6.28 5.38
C PHE A 418 -10.37 -5.88 6.10
N ALA A 419 -9.61 -4.94 5.53
CA ALA A 419 -8.38 -4.53 6.18
C ALA A 419 -8.66 -3.77 7.48
N ILE A 420 -9.74 -2.97 7.51
CA ILE A 420 -10.15 -2.36 8.78
C ILE A 420 -10.45 -3.45 9.80
N ALA A 421 -11.17 -4.50 9.38
CA ALA A 421 -11.47 -5.59 10.31
C ALA A 421 -10.19 -6.20 10.88
N MET A 422 -9.17 -6.39 10.03
CA MET A 422 -7.91 -6.94 10.50
C MET A 422 -7.25 -6.01 11.53
N GLN A 423 -7.26 -4.72 11.25
CA GLN A 423 -6.75 -3.74 12.19
C GLN A 423 -7.48 -3.83 13.53
N MET A 424 -8.80 -4.00 13.51
CA MET A 424 -9.52 -4.07 14.77
C MET A 424 -9.09 -5.29 15.60
N PHE A 425 -8.84 -6.44 14.94
CA PHE A 425 -8.29 -7.60 15.64
C PHE A 425 -6.91 -7.31 16.20
N SER A 426 -6.08 -6.64 15.42
CA SER A 426 -4.73 -6.31 15.86
C SER A 426 -4.76 -5.41 17.08
N LEU A 427 -5.67 -4.43 17.10
CA LEU A 427 -5.79 -3.54 18.25
C LEU A 427 -6.23 -4.28 19.50
N ALA A 428 -7.09 -5.28 19.34
CA ALA A 428 -7.57 -6.08 20.46
C ALA A 428 -6.60 -7.18 20.86
N HIS A 429 -5.46 -7.25 20.20
CA HIS A 429 -4.49 -8.32 20.40
C HIS A 429 -5.16 -9.67 20.23
N ARG A 430 -6.10 -9.75 19.28
CA ARG A 430 -6.79 -11.01 18.98
C ARG A 430 -6.20 -11.71 17.76
N PRO A 431 -5.57 -12.87 17.93
CA PRO A 431 -5.04 -13.62 16.77
C PRO A 431 -6.14 -13.95 15.78
N VAL A 432 -5.81 -13.79 14.50
CA VAL A 432 -6.77 -13.98 13.41
C VAL A 432 -6.76 -15.47 13.03
N ARG A 433 -7.59 -16.23 13.71
CA ARG A 433 -7.77 -17.65 13.40
C ARG A 433 -8.96 -17.77 12.45
N LEU A 434 -9.38 -19.01 12.14
CA LEU A 434 -10.40 -19.20 11.12
C LEU A 434 -11.68 -18.44 11.47
N ALA A 435 -12.09 -18.49 12.73
CA ALA A 435 -13.32 -17.82 13.14
C ALA A 435 -13.24 -16.31 12.93
N GLU A 436 -12.10 -15.72 13.27
CA GLU A 436 -11.90 -14.29 13.06
C GLU A 436 -11.90 -13.95 11.59
N PHE A 437 -11.25 -14.77 10.75
CA PHE A 437 -11.29 -14.61 9.29
C PHE A 437 -12.73 -14.64 8.78
N LYS A 438 -13.49 -15.65 9.19
CA LYS A 438 -14.87 -15.73 8.76
C LYS A 438 -15.66 -14.49 9.16
N ARG A 439 -15.49 -14.06 10.39
CA ARG A 439 -16.26 -12.91 10.86
C ARG A 439 -15.89 -11.66 10.08
N ALA A 440 -14.60 -11.47 9.76
CA ALA A 440 -14.20 -10.29 9.03
C ALA A 440 -14.79 -10.27 7.63
N VAL A 441 -14.89 -11.44 7.00
CA VAL A 441 -15.52 -11.58 5.69
C VAL A 441 -16.99 -11.20 5.76
N LYS A 442 -17.68 -11.71 6.77
CA LYS A 442 -19.09 -11.41 6.97
C LYS A 442 -19.34 -9.91 7.21
N VAL A 443 -18.48 -9.27 7.99
CA VAL A 443 -18.64 -7.85 8.24
C VAL A 443 -18.30 -7.04 6.99
N ALA A 444 -17.31 -7.47 6.22
CA ALA A 444 -16.91 -6.70 5.06
C ALA A 444 -17.89 -6.80 3.91
N THR A 445 -18.56 -7.95 3.78
CA THR A 445 -19.49 -8.16 2.69
C THR A 445 -20.95 -8.20 3.14
N GLY A 446 -21.21 -8.36 4.41
CA GLY A 446 -22.57 -8.63 4.85
C GLY A 446 -23.07 -10.04 4.62
N GLN A 447 -22.26 -10.94 4.05
CA GLN A 447 -22.62 -12.35 3.95
C GLN A 447 -21.48 -13.25 4.41
N GLU A 448 -21.84 -14.42 4.92
CA GLU A 448 -20.86 -15.47 5.16
C GLU A 448 -20.40 -16.08 3.83
N LEU A 449 -19.08 -16.28 3.67
CA LEU A 449 -18.58 -17.07 2.55
C LEU A 449 -18.54 -18.56 2.93
N SER A 450 -18.41 -19.43 1.95
CA SER A 450 -18.49 -20.86 2.25
C SER A 450 -17.19 -21.39 2.86
N ASN A 451 -17.33 -22.42 3.70
CA ASN A 451 -16.16 -22.96 4.40
C ASN A 451 -15.11 -23.52 3.46
N ASN A 452 -15.53 -24.12 2.34
CA ASN A 452 -14.55 -24.75 1.45
C ASN A 452 -13.57 -23.70 0.92
N ILE A 453 -14.06 -22.49 0.63
CA ILE A 453 -13.17 -21.41 0.20
C ILE A 453 -12.36 -20.85 1.37
N LEU A 454 -13.03 -20.49 2.44
CA LEU A 454 -12.34 -19.84 3.55
C LEU A 454 -11.30 -20.76 4.18
N ASP A 455 -11.62 -22.04 4.27
CA ASP A 455 -10.67 -22.97 4.85
C ASP A 455 -9.50 -23.19 3.93
N THR A 456 -9.71 -23.12 2.61
CA THR A 456 -8.61 -23.23 1.65
C THR A 456 -7.69 -22.02 1.72
N VAL A 457 -8.26 -20.82 1.71
CA VAL A 457 -7.43 -19.62 1.85
C VAL A 457 -6.65 -19.68 3.16
N PHE A 458 -7.33 -20.04 4.23
CA PHE A 458 -6.69 -20.04 5.53
C PHE A 458 -5.50 -21.00 5.58
N LYS A 459 -5.63 -22.19 5.00
CA LYS A 459 -4.52 -23.15 5.05
C LYS A 459 -3.38 -22.68 4.17
N ILE A 460 -3.68 -22.03 3.05
CA ILE A 460 -2.60 -21.50 2.22
C ILE A 460 -1.86 -20.40 2.97
N PHE A 461 -2.58 -19.50 3.65
CA PHE A 461 -1.95 -18.31 4.21
C PHE A 461 -1.78 -18.35 5.72
N ASP A 462 -1.88 -19.53 6.30
CA ASP A 462 -1.41 -19.79 7.66
C ASP A 462 0.08 -20.12 7.57
N LEU A 463 0.88 -19.10 7.30
CA LEU A 463 2.24 -19.35 6.83
C LEU A 463 3.10 -20.00 7.91
N ASP A 464 2.96 -19.57 9.16
CA ASP A 464 3.72 -20.13 10.27
C ASP A 464 3.11 -21.42 10.83
N GLY A 465 1.99 -21.88 10.30
CA GLY A 465 1.38 -23.10 10.79
C GLY A 465 0.93 -23.01 12.23
N ASP A 466 0.66 -21.79 12.72
CA ASP A 466 0.22 -21.56 14.09
C ASP A 466 -1.25 -21.17 14.17
N GLU A 467 -2.03 -21.53 13.16
CA GLU A 467 -3.45 -21.18 13.12
C GLU A 467 -3.66 -19.67 13.18
N CYS A 468 -2.83 -18.93 12.46
CA CYS A 468 -2.92 -17.48 12.36
C CYS A 468 -2.88 -17.13 10.87
N LEU A 469 -3.87 -16.37 10.41
CA LEU A 469 -3.90 -15.93 9.01
C LEU A 469 -2.85 -14.84 8.77
N SER A 470 -1.96 -15.06 7.80
CA SER A 470 -0.99 -14.03 7.41
C SER A 470 -1.73 -13.15 6.43
N HIS A 471 -2.53 -12.22 6.98
CA HIS A 471 -3.54 -11.55 6.18
C HIS A 471 -2.97 -10.46 5.29
N GLU A 472 -1.85 -9.86 5.67
CA GLU A 472 -1.15 -8.94 4.78
C GLU A 472 -0.70 -9.62 3.50
N GLU A 473 -0.03 -10.78 3.63
CA GLU A 473 0.39 -11.56 2.48
C GLU A 473 -0.80 -11.99 1.61
N PHE A 474 -1.87 -12.47 2.25
CA PHE A 474 -3.08 -12.85 1.53
C PHE A 474 -3.62 -11.69 0.71
N LEU A 475 -3.73 -10.51 1.32
CA LEU A 475 -4.30 -9.38 0.59
C LEU A 475 -3.40 -8.92 -0.54
N GLY A 476 -2.09 -9.01 -0.36
CA GLY A 476 -1.19 -8.67 -1.45
C GLY A 476 -1.37 -9.58 -2.64
N VAL A 477 -1.51 -10.89 -2.39
CA VAL A 477 -1.74 -11.82 -3.48
C VAL A 477 -3.08 -11.54 -4.14
N LEU A 478 -4.11 -11.30 -3.33
CA LEU A 478 -5.45 -11.13 -3.86
C LEU A 478 -5.55 -9.86 -4.68
N LYS A 479 -5.06 -8.75 -4.13
CA LYS A 479 -5.24 -7.49 -4.83
C LYS A 479 -4.51 -7.57 -6.16
N ASN A 480 -3.38 -8.21 -6.17
CA ASN A 480 -2.66 -8.38 -7.41
C ASN A 480 -3.39 -9.27 -8.37
N ARG A 481 -4.00 -10.34 -7.85
CA ARG A 481 -4.75 -11.28 -8.67
C ARG A 481 -5.89 -10.58 -9.39
N MET A 482 -6.57 -9.68 -8.68
CA MET A 482 -7.78 -9.08 -9.18
C MET A 482 -7.52 -7.82 -9.98
N HIS A 483 -6.27 -7.34 -10.01
CA HIS A 483 -5.94 -6.07 -10.67
C HIS A 483 -5.69 -6.33 -12.15
N ARG A 484 -6.73 -6.12 -12.96
CA ARG A 484 -6.66 -6.44 -14.39
C ARG A 484 -5.87 -5.41 -15.17
N GLY A 485 -5.14 -5.88 -16.19
CA GLY A 485 -4.49 -5.01 -17.16
C GLY A 485 -3.03 -4.72 -16.88
N LEU A 486 -2.52 -5.13 -15.72
CA LEU A 486 -1.11 -4.97 -15.38
C LEU A 486 -0.20 -5.63 -16.39
N MET B 9 14.00 2.25 13.56
CA MET B 9 14.34 1.12 12.64
C MET B 9 15.50 0.30 13.18
N ASN B 10 15.47 -0.05 14.47
CA ASN B 10 16.61 -0.74 15.05
C ASN B 10 16.22 -1.52 16.30
N ILE B 11 17.11 -2.45 16.68
CA ILE B 11 16.94 -3.30 17.85
C ILE B 11 16.49 -2.53 19.09
N PHE B 12 17.09 -1.37 19.35
CA PHE B 12 16.72 -0.65 20.57
C PHE B 12 15.23 -0.33 20.58
N GLU B 13 14.70 0.16 19.46
CA GLU B 13 13.28 0.53 19.42
C GLU B 13 12.39 -0.71 19.32
N MET B 14 12.85 -1.73 18.61
CA MET B 14 12.17 -3.02 18.61
C MET B 14 11.89 -3.47 20.03
N LEU B 15 12.92 -3.44 20.87
CA LEU B 15 12.83 -3.98 22.22
C LEU B 15 12.05 -3.10 23.17
N ARG B 16 11.92 -1.81 22.89
CA ARG B 16 11.05 -0.99 23.74
C ARG B 16 9.58 -1.20 23.39
N ILE B 17 9.30 -1.69 22.18
CA ILE B 17 7.96 -2.20 21.89
C ILE B 17 7.74 -3.52 22.62
N ASP B 18 8.75 -4.40 22.58
CA ASP B 18 8.60 -5.77 23.09
C ASP B 18 8.69 -5.81 24.61
N GLU B 19 9.68 -5.13 25.20
CA GLU B 19 9.91 -5.12 26.65
C GLU B 19 9.51 -3.76 27.20
N ARG B 20 8.56 -3.75 28.12
CA ARG B 20 7.96 -2.49 28.56
C ARG B 20 8.69 -1.91 29.76
N LEU B 21 8.89 -0.59 29.71
CA LEU B 21 9.61 0.14 30.76
C LEU B 21 8.89 0.01 32.08
N ARG B 22 9.61 -0.46 33.10
CA ARG B 22 9.05 -0.61 34.45
C ARG B 22 10.09 -0.15 35.46
N LEU B 23 9.79 0.96 36.14
CA LEU B 23 10.71 1.62 37.05
C LEU B 23 10.67 1.05 38.47
N LYS B 24 9.65 0.26 38.82
CA LYS B 24 9.66 -0.50 40.05
C LYS B 24 10.19 -1.91 39.76
N ILE B 25 10.67 -2.58 40.80
CA ILE B 25 11.11 -3.97 40.63
C ILE B 25 9.87 -4.85 40.51
N TYR B 26 9.96 -5.90 39.68
CA TYR B 26 8.79 -6.73 39.39
C TYR B 26 9.23 -8.15 39.07
N LYS B 27 8.40 -9.10 39.46
CA LYS B 27 8.59 -10.49 39.04
C LYS B 27 8.17 -10.62 37.60
N ASP B 28 8.97 -11.37 36.82
CA ASP B 28 8.64 -11.62 35.43
C ASP B 28 7.69 -12.82 35.34
N THR B 29 7.43 -13.28 34.12
CA THR B 29 6.73 -14.57 33.97
C THR B 29 7.47 -15.65 34.73
N GLU B 30 8.76 -15.83 34.44
CA GLU B 30 9.60 -16.81 35.10
C GLU B 30 9.76 -16.55 36.60
N GLY B 31 9.24 -15.44 37.10
CA GLY B 31 9.22 -15.18 38.52
C GLY B 31 10.39 -14.43 39.09
N TYR B 32 11.40 -14.12 38.29
CA TYR B 32 12.58 -13.42 38.79
C TYR B 32 12.30 -11.92 38.92
N TYR B 33 12.77 -11.35 40.03
CA TYR B 33 12.78 -9.90 40.18
C TYR B 33 13.51 -9.27 38.99
N THR B 34 12.83 -8.34 38.33
CA THR B 34 13.37 -7.64 37.16
C THR B 34 13.03 -6.16 37.28
N ILE B 35 13.59 -5.35 36.40
CA ILE B 35 13.46 -3.91 36.48
C ILE B 35 13.72 -3.31 35.10
N GLY B 36 13.20 -2.10 34.90
CA GLY B 36 13.56 -1.30 33.75
C GLY B 36 12.96 -1.84 32.48
N ILE B 37 13.82 -2.15 31.51
CA ILE B 37 13.37 -2.66 30.22
C ILE B 37 13.84 -4.10 30.09
N GLY B 38 13.17 -5.01 30.78
CA GLY B 38 13.55 -6.40 30.75
C GLY B 38 14.94 -6.67 31.28
N HIS B 39 15.40 -5.90 32.26
CA HIS B 39 16.67 -6.22 32.90
C HIS B 39 16.46 -7.35 33.90
N LEU B 40 17.28 -8.39 33.81
CA LEU B 40 17.30 -9.44 34.82
C LEU B 40 18.21 -9.03 35.97
N LEU B 41 17.66 -9.05 37.20
CA LEU B 41 18.37 -8.56 38.40
C LEU B 41 19.10 -9.67 39.16
N THR B 42 18.33 -10.67 39.65
CA THR B 42 18.83 -11.88 40.33
C THR B 42 17.93 -13.06 39.97
N LYS B 43 18.50 -14.27 40.04
CA LYS B 43 17.73 -15.51 39.90
C LYS B 43 17.40 -16.10 41.26
N SER B 44 17.21 -15.25 42.27
CA SER B 44 17.07 -15.66 43.67
C SER B 44 15.83 -15.05 44.24
N PRO B 45 14.93 -15.84 44.87
CA PRO B 45 13.73 -15.25 45.47
C PRO B 45 14.03 -14.23 46.55
N SER B 46 15.26 -14.20 47.06
CA SER B 46 15.73 -13.12 47.92
C SER B 46 15.53 -11.78 47.21
N LEU B 47 14.65 -10.93 47.73
CA LEU B 47 14.55 -9.58 47.19
C LEU B 47 15.70 -8.69 47.66
N ASN B 48 16.26 -8.98 48.85
CA ASN B 48 17.40 -8.20 49.32
C ASN B 48 18.56 -8.26 48.33
N ALA B 49 18.77 -9.43 47.70
CA ALA B 49 19.81 -9.54 46.69
C ALA B 49 19.41 -8.82 45.41
N ALA B 50 18.10 -8.67 45.17
CA ALA B 50 17.63 -7.96 43.98
C ALA B 50 18.03 -6.49 44.02
N LYS B 51 18.15 -5.91 45.21
CA LYS B 51 18.66 -4.55 45.36
C LYS B 51 20.18 -4.52 45.51
N SER B 52 20.82 -5.67 45.76
CA SER B 52 22.28 -5.71 45.87
C SER B 52 22.93 -5.80 44.50
N GLU B 53 22.73 -6.92 43.80
CA GLU B 53 23.18 -7.02 42.42
C GLU B 53 22.76 -5.79 41.64
N LEU B 54 21.61 -5.24 42.01
CA LEU B 54 21.23 -3.93 41.50
C LEU B 54 22.32 -2.90 41.79
N ASP B 55 22.76 -2.77 43.04
CA ASP B 55 23.56 -1.61 43.43
C ASP B 55 24.80 -1.48 42.56
N LYS B 56 25.70 -2.46 42.77
CA LYS B 56 26.94 -2.19 42.06
C LYS B 56 26.77 -1.99 40.53
N ALA B 57 25.60 -2.26 39.95
CA ALA B 57 25.29 -2.01 38.54
C ALA B 57 24.58 -0.68 38.33
N ILE B 58 24.38 0.06 39.44
CA ILE B 58 23.59 1.29 39.39
C ILE B 58 24.31 2.46 40.07
N GLY B 59 24.94 2.25 41.24
CA GLY B 59 25.37 3.27 42.21
C GLY B 59 24.59 3.34 43.53
N ARG B 60 23.57 2.53 43.80
CA ARG B 60 22.68 2.48 44.99
C ARG B 60 21.71 1.27 45.03
N ASN B 61 21.59 0.66 46.24
CA ASN B 61 21.13 -0.73 46.31
C ASN B 61 19.88 -0.77 45.49
N THR B 62 19.08 0.23 45.74
CA THR B 62 18.15 0.74 44.79
C THR B 62 17.85 2.19 45.14
N ASN B 63 16.64 2.63 44.82
CA ASN B 63 16.00 3.81 45.37
C ASN B 63 14.52 3.48 45.57
N GLY B 64 14.23 2.19 45.80
CA GLY B 64 12.89 1.67 45.62
C GLY B 64 12.55 1.67 44.15
N VAL B 65 11.97 2.77 43.68
CA VAL B 65 11.81 3.02 42.24
C VAL B 65 13.11 3.50 41.65
N ILE B 66 13.54 2.88 40.56
CA ILE B 66 14.49 3.51 39.67
C ILE B 66 13.75 4.59 38.88
N THR B 67 14.51 5.51 38.32
CA THR B 67 13.93 6.44 37.35
C THR B 67 14.41 6.08 35.94
N LYS B 68 13.83 6.74 34.93
CA LYS B 68 14.03 6.29 33.55
C LYS B 68 15.48 6.46 33.10
N ASP B 69 16.09 7.61 33.39
CA ASP B 69 17.44 7.87 32.93
C ASP B 69 18.36 6.67 33.19
N GLU B 70 18.37 6.16 34.42
CA GLU B 70 19.21 5.00 34.71
C GLU B 70 18.66 3.75 34.05
N ALA B 71 17.33 3.65 33.92
CA ALA B 71 16.75 2.47 33.27
C ALA B 71 17.31 2.31 31.87
N GLU B 72 17.60 3.42 31.18
CA GLU B 72 18.19 3.36 29.85
C GLU B 72 19.66 2.99 29.89
N LYS B 73 20.40 3.44 30.90
CA LYS B 73 21.76 2.94 31.11
C LYS B 73 21.75 1.42 31.13
N LEU B 74 20.91 0.83 31.98
CA LEU B 74 20.75 -0.62 32.02
C LEU B 74 20.48 -1.20 30.64
N PHE B 75 19.41 -0.72 30.00
CA PHE B 75 18.93 -1.25 28.74
C PHE B 75 20.03 -1.26 27.70
N ASN B 76 20.87 -0.22 27.69
CA ASN B 76 21.98 -0.18 26.74
C ASN B 76 23.03 -1.22 27.09
N GLN B 77 23.35 -1.37 28.38
CA GLN B 77 24.34 -2.37 28.79
C GLN B 77 23.89 -3.78 28.44
N ASP B 78 22.61 -4.09 28.63
CA ASP B 78 22.11 -5.40 28.25
C ASP B 78 22.20 -5.63 26.75
N VAL B 79 21.67 -4.69 25.96
CA VAL B 79 21.65 -4.90 24.51
C VAL B 79 23.04 -5.20 23.98
N ASP B 80 24.08 -4.50 24.47
CA ASP B 80 25.43 -4.76 23.95
C ASP B 80 25.95 -6.10 24.47
N ALA B 81 25.71 -6.41 25.74
CA ALA B 81 26.08 -7.72 26.26
C ALA B 81 25.41 -8.83 25.45
N ALA B 82 24.12 -8.66 25.14
CA ALA B 82 23.44 -9.59 24.24
C ALA B 82 24.21 -9.77 22.93
N VAL B 83 24.62 -8.66 22.30
CA VAL B 83 25.35 -8.78 21.05
C VAL B 83 26.68 -9.48 21.32
N ARG B 84 27.42 -8.99 22.32
CA ARG B 84 28.67 -9.64 22.72
C ARG B 84 28.46 -11.12 22.98
N GLY B 85 27.38 -11.48 23.67
CA GLY B 85 27.09 -12.89 23.89
C GLY B 85 27.07 -13.67 22.60
N ILE B 86 26.36 -13.15 21.59
CA ILE B 86 26.23 -13.89 20.34
C ILE B 86 27.56 -13.98 19.64
N LEU B 87 28.28 -12.85 19.55
CA LEU B 87 29.52 -12.81 18.80
C LEU B 87 30.54 -13.80 19.34
N ARG B 88 30.52 -14.05 20.66
CA ARG B 88 31.43 -15.01 21.25
C ARG B 88 30.78 -16.37 21.51
N ASN B 89 29.70 -16.69 20.79
CA ASN B 89 29.11 -18.01 20.82
C ASN B 89 29.42 -18.72 19.51
N ALA B 90 29.88 -19.97 19.60
CA ALA B 90 30.27 -20.71 18.40
C ALA B 90 29.06 -21.02 17.52
N LYS B 91 27.96 -21.47 18.12
CA LYS B 91 26.78 -21.83 17.33
C LYS B 91 26.07 -20.58 16.81
N LEU B 92 25.91 -19.56 17.64
CA LEU B 92 25.17 -18.37 17.23
C LEU B 92 25.93 -17.54 16.20
N LYS B 93 27.22 -17.31 16.42
CA LYS B 93 27.91 -16.29 15.62
C LYS B 93 27.85 -16.53 14.12
N PRO B 94 28.09 -17.74 13.60
CA PRO B 94 27.99 -17.91 12.14
C PRO B 94 26.64 -17.47 11.60
N VAL B 95 25.56 -18.04 12.15
CA VAL B 95 24.20 -17.60 11.86
C VAL B 95 24.18 -16.08 11.85
N TYR B 96 24.57 -15.47 12.98
CA TYR B 96 24.42 -14.02 13.12
C TYR B 96 25.07 -13.25 11.97
N ASP B 97 26.20 -13.74 11.47
CA ASP B 97 26.96 -12.98 10.46
C ASP B 97 26.37 -13.16 9.06
N SER B 98 25.70 -14.28 8.79
CA SER B 98 25.01 -14.44 7.52
C SER B 98 23.79 -13.54 7.40
N LEU B 99 23.32 -12.97 8.50
CA LEU B 99 22.05 -12.27 8.51
C LEU B 99 22.19 -10.80 8.14
N ASP B 100 21.26 -10.33 7.32
CA ASP B 100 21.05 -8.91 7.11
C ASP B 100 20.77 -8.14 8.40
N ALA B 101 20.80 -6.81 8.32
CA ALA B 101 20.73 -5.98 9.51
C ALA B 101 19.45 -6.21 10.32
N VAL B 102 18.33 -6.47 9.63
CA VAL B 102 17.07 -6.59 10.36
C VAL B 102 16.94 -7.96 11.03
N ARG B 103 17.31 -9.02 10.31
CA ARG B 103 17.24 -10.36 10.92
C ARG B 103 18.15 -10.45 12.13
N ARG B 104 19.33 -9.81 12.07
CA ARG B 104 20.18 -9.71 13.24
C ARG B 104 19.45 -9.11 14.44
N ALA B 105 18.68 -8.05 14.21
CA ALA B 105 17.86 -7.49 15.28
C ALA B 105 16.92 -8.56 15.83
N ALA B 106 16.26 -9.32 14.94
CA ALA B 106 15.37 -10.39 15.39
C ALA B 106 16.10 -11.36 16.32
N LEU B 107 17.31 -11.77 15.91
CA LEU B 107 18.08 -12.70 16.72
C LEU B 107 18.65 -12.03 17.97
N ILE B 108 19.05 -10.78 17.88
CA ILE B 108 19.44 -10.11 19.11
C ILE B 108 18.23 -10.05 20.05
N ASN B 109 17.03 -9.82 19.50
CA ASN B 109 15.82 -9.78 20.32
C ASN B 109 15.69 -11.09 21.10
N MET B 110 15.96 -12.21 20.44
CA MET B 110 15.84 -13.52 21.08
C MET B 110 16.79 -13.66 22.25
N VAL B 111 18.07 -13.32 22.07
CA VAL B 111 19.06 -13.53 23.12
C VAL B 111 18.81 -12.60 24.29
N PHE B 112 18.60 -11.32 24.01
CA PHE B 112 18.12 -10.42 25.06
C PHE B 112 17.03 -11.06 25.92
N GLN B 113 16.03 -11.67 25.28
CA GLN B 113 14.91 -12.20 26.05
C GLN B 113 15.27 -13.51 26.76
N MET B 114 15.93 -14.43 26.08
CA MET B 114 16.12 -15.75 26.65
C MET B 114 17.55 -16.07 27.06
N GLY B 115 18.52 -15.31 26.56
CA GLY B 115 19.89 -15.64 26.85
C GLY B 115 20.59 -16.28 25.67
N GLU B 116 21.91 -16.09 25.63
CA GLU B 116 22.76 -16.67 24.59
C GLU B 116 22.59 -18.18 24.50
N THR B 117 22.50 -18.87 25.63
CA THR B 117 22.56 -20.33 25.57
C THR B 117 21.19 -20.91 25.24
N GLY B 118 20.11 -20.36 25.79
CA GLY B 118 18.79 -20.81 25.40
C GLY B 118 18.60 -20.76 23.90
N VAL B 119 18.91 -19.61 23.29
CA VAL B 119 18.80 -19.44 21.86
C VAL B 119 19.75 -20.35 21.09
N ALA B 120 20.70 -20.98 21.78
CA ALA B 120 21.64 -21.90 21.14
C ALA B 120 21.11 -23.33 21.08
N GLY B 121 20.11 -23.66 21.91
CA GLY B 121 19.41 -24.93 21.79
C GLY B 121 18.46 -25.06 20.61
N PHE B 122 18.11 -23.95 19.96
CA PHE B 122 17.25 -23.97 18.77
C PHE B 122 18.04 -24.42 17.55
N THR B 123 18.56 -25.65 17.62
CA THR B 123 19.49 -26.13 16.60
C THR B 123 18.93 -25.95 15.19
N ASN B 124 17.80 -26.61 14.90
CA ASN B 124 17.31 -26.70 13.53
C ASN B 124 16.92 -25.33 12.99
N SER B 125 16.07 -24.61 13.71
CA SER B 125 15.70 -23.27 13.29
C SER B 125 16.95 -22.44 12.97
N LEU B 126 18.00 -22.57 13.79
CA LEU B 126 19.24 -21.83 13.52
C LEU B 126 19.86 -22.27 12.19
N ARG B 127 19.93 -23.58 11.96
CA ARG B 127 20.36 -24.08 10.65
C ARG B 127 19.55 -23.41 9.54
N MET B 128 18.21 -23.49 9.63
CA MET B 128 17.38 -22.96 8.57
C MET B 128 17.63 -21.48 8.37
N LEU B 129 17.88 -20.75 9.45
CA LEU B 129 18.12 -19.32 9.30
C LEU B 129 19.40 -19.04 8.53
N GLN B 130 20.46 -19.80 8.80
CA GLN B 130 21.71 -19.63 8.08
C GLN B 130 21.54 -19.93 6.60
N GLN B 131 20.75 -20.97 6.28
CA GLN B 131 20.40 -21.33 4.91
C GLN B 131 19.37 -20.40 4.30
N LYS B 132 18.89 -19.42 5.06
CA LYS B 132 17.84 -18.51 4.56
C LYS B 132 16.62 -19.30 4.08
N ARG B 133 16.38 -20.46 4.69
CA ARG B 133 15.10 -21.17 4.61
C ARG B 133 14.12 -20.49 5.57
N TRP B 134 13.74 -19.28 5.20
CA TRP B 134 12.97 -18.45 6.11
C TRP B 134 11.68 -19.15 6.51
N ASP B 135 11.02 -19.83 5.56
CA ASP B 135 9.69 -20.37 5.77
C ASP B 135 9.75 -21.56 6.72
N GLU B 136 10.66 -22.51 6.47
CA GLU B 136 10.81 -23.60 7.43
C GLU B 136 11.24 -23.11 8.80
N ALA B 137 12.10 -22.08 8.84
CA ALA B 137 12.53 -21.53 10.12
C ALA B 137 11.36 -20.97 10.91
N ALA B 138 10.48 -20.23 10.22
CA ALA B 138 9.35 -19.61 10.90
C ALA B 138 8.40 -20.67 11.44
N VAL B 139 8.17 -21.73 10.66
CA VAL B 139 7.27 -22.80 11.03
C VAL B 139 7.78 -23.56 12.25
N ASN B 140 9.08 -23.88 12.25
CA ASN B 140 9.66 -24.63 13.35
C ASN B 140 9.72 -23.79 14.63
N LEU B 141 10.05 -22.50 14.53
CA LEU B 141 10.08 -21.65 15.71
C LEU B 141 8.70 -21.54 16.32
N ALA B 142 7.66 -21.51 15.48
CA ALA B 142 6.32 -21.31 16.00
C ALA B 142 5.81 -22.49 16.82
N LYS B 143 6.47 -23.64 16.76
CA LYS B 143 6.07 -24.77 17.61
C LYS B 143 6.75 -24.76 18.97
N SER B 144 7.64 -23.83 19.25
CA SER B 144 8.52 -23.91 20.42
C SER B 144 7.80 -23.51 21.69
N ILE B 145 8.37 -23.92 22.83
CA ILE B 145 7.86 -23.41 24.10
C ILE B 145 7.96 -21.89 24.16
N TRP B 146 9.02 -21.33 23.56
CA TRP B 146 9.20 -19.88 23.56
C TRP B 146 8.00 -19.20 22.92
N TYR B 147 7.57 -19.70 21.76
CA TYR B 147 6.35 -19.14 21.16
C TYR B 147 5.19 -19.22 22.14
N ASN B 148 5.00 -20.38 22.76
CA ASN B 148 3.84 -20.57 23.63
C ASN B 148 3.86 -19.64 24.82
N GLN B 149 5.06 -19.36 25.36
CA GLN B 149 5.13 -18.53 26.56
C GLN B 149 4.86 -17.06 26.25
N THR B 150 5.30 -16.56 25.11
CA THR B 150 5.09 -15.16 24.74
C THR B 150 4.79 -15.12 23.25
N PRO B 151 3.56 -15.51 22.88
CA PRO B 151 3.29 -15.71 21.45
C PRO B 151 3.20 -14.40 20.67
N ASN B 152 2.74 -13.32 21.28
CA ASN B 152 2.63 -12.08 20.52
C ASN B 152 4.01 -11.58 20.15
N ARG B 153 4.92 -11.57 21.11
CA ARG B 153 6.29 -11.20 20.82
C ARG B 153 6.96 -12.20 19.89
N ALA B 154 6.79 -13.50 20.13
CA ALA B 154 7.45 -14.47 19.27
C ALA B 154 6.94 -14.35 17.84
N LYS B 155 5.66 -14.02 17.65
CA LYS B 155 5.15 -13.84 16.30
C LYS B 155 5.84 -12.67 15.60
N ARG B 156 5.94 -11.51 16.29
CA ARG B 156 6.60 -10.34 15.72
C ARG B 156 8.03 -10.68 15.32
N VAL B 157 8.74 -11.41 16.18
CA VAL B 157 10.12 -11.79 15.88
C VAL B 157 10.15 -12.73 14.69
N ILE B 158 9.30 -13.76 14.70
CA ILE B 158 9.26 -14.76 13.64
C ILE B 158 8.93 -14.10 12.30
N THR B 159 7.96 -13.18 12.29
CA THR B 159 7.62 -12.46 11.06
C THR B 159 8.81 -11.64 10.56
N THR B 160 9.61 -11.12 11.48
CA THR B 160 10.84 -10.42 11.10
C THR B 160 11.82 -11.38 10.45
N PHE B 161 11.96 -12.59 11.00
CA PHE B 161 12.79 -13.60 10.34
C PHE B 161 12.24 -14.01 8.99
N ARG B 162 10.91 -14.06 8.85
CA ARG B 162 10.30 -14.50 7.60
C ARG B 162 10.47 -13.46 6.51
N THR B 163 10.21 -12.18 6.84
CA THR B 163 10.13 -11.15 5.81
C THR B 163 11.37 -10.24 5.73
N GLY B 164 12.29 -10.31 6.69
CA GLY B 164 13.41 -9.39 6.72
C GLY B 164 12.97 -7.94 6.73
N THR B 165 11.83 -7.68 7.35
CA THR B 165 11.22 -6.36 7.36
C THR B 165 10.85 -5.99 8.80
N TRP B 166 10.54 -4.70 9.00
CA TRP B 166 10.00 -4.21 10.26
C TRP B 166 8.47 -4.13 10.26
N ASP B 167 7.80 -4.78 9.30
CA ASP B 167 6.35 -4.64 9.15
C ASP B 167 5.63 -5.05 10.42
N ALA B 168 6.21 -5.97 11.19
CA ALA B 168 5.57 -6.46 12.41
C ALA B 168 5.61 -5.43 13.52
N TYR B 169 6.55 -4.48 13.45
CA TYR B 169 6.71 -3.43 14.44
C TYR B 169 6.27 -2.09 13.87
N HIS B 170 5.46 -1.36 14.62
CA HIS B 170 5.05 0.00 14.24
C HIS B 170 5.80 0.98 15.15
N MET B 171 7.11 1.09 14.89
CA MET B 171 8.01 1.84 15.75
C MET B 171 7.67 3.31 15.78
N LEU B 172 7.22 3.86 14.65
CA LEU B 172 6.96 5.29 14.56
C LEU B 172 5.75 5.69 15.40
N ARG B 173 4.66 4.94 15.30
CA ARG B 173 3.45 5.37 15.99
C ARG B 173 3.48 5.04 17.49
N LYS B 174 4.34 4.11 17.94
CA LYS B 174 4.56 3.99 19.37
C LYS B 174 5.45 5.12 19.89
N GLN B 175 6.31 5.65 19.03
CA GLN B 175 7.16 6.77 19.42
C GLN B 175 6.35 8.05 19.53
N ARG B 176 5.44 8.30 18.58
CA ARG B 176 4.56 9.47 18.72
C ARG B 176 3.81 9.41 20.04
N PHE B 177 3.21 8.26 20.36
CA PHE B 177 2.35 8.22 21.53
C PHE B 177 3.11 8.60 22.80
N MET B 178 4.30 8.03 22.98
CA MET B 178 5.05 8.30 24.21
C MET B 178 5.55 9.74 24.24
N GLN B 179 5.84 10.29 23.06
CA GLN B 179 6.37 11.65 22.98
C GLN B 179 5.33 12.68 23.41
N PHE B 180 4.04 12.36 23.31
CA PHE B 180 2.99 13.29 23.70
C PHE B 180 2.25 12.89 24.96
N SER B 181 2.38 11.64 25.38
CA SER B 181 1.66 11.23 26.58
C SER B 181 2.27 11.94 27.77
N SER B 182 1.43 12.27 28.73
CA SER B 182 1.83 13.11 29.84
C SER B 182 1.49 12.50 31.18
N LEU B 183 0.84 11.33 31.20
CA LEU B 183 0.41 10.67 32.42
C LEU B 183 0.87 9.22 32.43
N GLU B 184 1.03 8.68 33.63
CA GLU B 184 1.51 7.31 33.81
C GLU B 184 0.83 6.71 35.03
N HIS B 185 0.47 5.44 34.93
CA HIS B 185 -0.10 4.70 36.05
C HIS B 185 0.54 3.32 35.98
N GLU B 186 1.68 3.17 36.65
CA GLU B 186 2.35 1.87 36.78
C GLU B 186 2.79 1.34 35.41
N GLY B 187 3.78 2.04 34.85
CA GLY B 187 4.35 1.64 33.57
C GLY B 187 3.50 1.91 32.34
N GLU B 188 2.19 2.05 32.52
CA GLU B 188 1.26 2.31 31.43
C GLU B 188 1.08 3.83 31.24
N TYR B 189 1.45 4.31 30.06
CA TYR B 189 1.34 5.74 29.75
C TYR B 189 -0.04 6.06 29.20
N TYR B 190 -0.41 7.33 29.33
CA TYR B 190 -1.72 7.80 28.94
C TYR B 190 -1.62 9.19 28.33
N MET B 191 -2.41 9.41 27.30
CA MET B 191 -2.61 10.73 26.75
C MET B 191 -3.78 11.38 27.44
N THR B 192 -3.75 12.69 27.59
CA THR B 192 -4.99 13.42 27.81
C THR B 192 -5.55 13.82 26.46
N PRO B 193 -6.81 14.29 26.44
CA PRO B 193 -7.35 14.76 25.15
C PRO B 193 -6.57 15.90 24.52
N ARG B 194 -6.01 16.78 25.35
CA ARG B 194 -5.11 17.81 24.84
C ARG B 194 -3.87 17.19 24.22
N ASP B 195 -3.28 16.19 24.88
CA ASP B 195 -2.13 15.51 24.30
C ASP B 195 -2.49 14.93 22.92
N PHE B 196 -3.65 14.27 22.86
CA PHE B 196 -4.09 13.63 21.61
C PHE B 196 -4.17 14.65 20.49
N LEU B 197 -4.84 15.79 20.74
CA LEU B 197 -4.99 16.80 19.70
C LEU B 197 -3.64 17.32 19.24
N PHE B 198 -2.73 17.63 20.18
CA PHE B 198 -1.41 18.09 19.79
C PHE B 198 -0.70 17.08 18.91
N SER B 199 -0.88 15.77 19.22
CA SER B 199 -0.15 14.73 18.51
C SER B 199 -0.58 14.60 17.07
N VAL B 200 -1.79 15.03 16.68
CA VAL B 200 -2.18 14.95 15.28
C VAL B 200 -1.87 16.21 14.50
N MET B 201 -1.40 17.26 15.17
CA MET B 201 -1.14 18.54 14.52
C MET B 201 0.32 18.99 14.53
N PHE B 202 1.07 18.68 15.59
CA PHE B 202 2.41 19.22 15.75
C PHE B 202 3.43 18.10 15.63
N GLU B 203 4.65 18.44 15.23
CA GLU B 203 5.70 17.44 15.27
C GLU B 203 6.23 17.18 16.68
N GLN B 204 6.27 18.20 17.55
CA GLN B 204 7.01 18.11 18.80
C GLN B 204 6.72 19.31 19.70
N MET B 205 7.21 19.20 20.94
CA MET B 205 7.15 20.22 22.00
C MET B 205 5.72 20.35 22.56
N GLU B 206 5.13 19.22 22.93
CA GLU B 206 3.77 19.20 23.45
C GLU B 206 3.57 17.96 24.33
N LYS B 212 4.58 12.80 34.20
CA LYS B 212 4.05 12.70 35.57
C LYS B 212 3.19 11.46 35.77
N LYS B 213 2.76 11.21 37.01
CA LYS B 213 2.09 9.97 37.38
C LYS B 213 0.64 10.23 37.77
N LEU B 214 -0.24 9.32 37.35
CA LEU B 214 -1.68 9.49 37.56
C LEU B 214 -2.03 9.61 39.04
N THR B 215 -2.98 10.50 39.33
CA THR B 215 -3.43 10.73 40.70
C THR B 215 -4.95 10.65 40.78
N LYS B 216 -5.46 10.67 42.00
CA LYS B 216 -6.90 10.57 42.21
C LYS B 216 -7.63 11.81 41.70
N LYS B 217 -6.96 12.97 41.70
CA LYS B 217 -7.53 14.14 41.04
C LYS B 217 -7.73 13.88 39.55
N ASP B 218 -6.66 13.41 38.89
CA ASP B 218 -6.72 13.15 37.46
C ASP B 218 -7.90 12.27 37.11
N ILE B 219 -8.17 11.25 37.92
CA ILE B 219 -9.28 10.37 37.62
C ILE B 219 -10.60 11.08 37.87
N GLU B 220 -10.72 11.77 39.01
CA GLU B 220 -11.94 12.50 39.29
C GLU B 220 -12.21 13.55 38.22
N ASP B 221 -11.16 14.26 37.79
CA ASP B 221 -11.30 15.23 36.70
C ASP B 221 -11.86 14.56 35.44
N THR B 222 -11.52 13.28 35.20
CA THR B 222 -11.93 12.61 33.98
C THR B 222 -13.44 12.46 33.91
N LEU B 223 -14.11 12.22 35.04
CA LEU B 223 -15.57 12.17 34.97
C LEU B 223 -16.17 13.58 34.91
N SER B 224 -15.73 14.48 35.78
CA SER B 224 -16.35 15.80 35.84
C SER B 224 -16.10 16.58 34.56
N GLY B 225 -14.90 16.45 33.98
CA GLY B 225 -14.67 17.02 32.66
C GLY B 225 -15.75 16.63 31.68
N ILE B 226 -16.08 15.34 31.63
CA ILE B 226 -17.12 14.89 30.71
C ILE B 226 -18.45 15.51 31.10
N GLN B 227 -18.69 15.70 32.39
CA GLN B 227 -19.92 16.34 32.80
C GLN B 227 -19.97 17.79 32.35
N THR B 228 -18.82 18.47 32.28
CA THR B 228 -18.80 19.87 31.90
C THR B 228 -18.51 20.09 30.42
N ALA B 229 -17.71 19.22 29.78
CA ALA B 229 -17.38 19.41 28.36
C ALA B 229 -18.64 19.39 27.50
N GLY B 230 -18.61 20.17 26.42
CA GLY B 230 -19.65 20.07 25.43
C GLY B 230 -19.64 18.71 24.75
N CYS B 231 -20.80 18.36 24.19
CA CYS B 231 -21.09 17.02 23.67
C CYS B 231 -20.83 16.88 22.19
N GLY B 232 -20.39 17.95 21.51
CA GLY B 232 -20.21 17.95 20.09
C GLY B 232 -18.76 18.15 19.70
N SER B 233 -18.52 19.09 18.80
CA SER B 233 -17.20 19.20 18.20
C SER B 233 -16.21 20.00 19.03
N THR B 234 -16.55 20.33 20.27
CA THR B 234 -15.61 20.93 21.21
C THR B 234 -15.29 20.00 22.37
N PHE B 235 -15.74 18.74 22.31
CA PHE B 235 -15.54 17.78 23.39
C PHE B 235 -14.09 17.70 23.85
N PHE B 236 -13.15 17.49 22.93
CA PHE B 236 -11.78 17.30 23.38
C PHE B 236 -11.11 18.61 23.77
N ARG B 237 -11.43 19.71 23.10
CA ARG B 237 -10.89 21.00 23.48
C ARG B 237 -11.46 21.45 24.83
N ASP B 238 -12.72 21.13 25.10
CA ASP B 238 -13.33 21.42 26.39
C ASP B 238 -12.71 20.60 27.49
N LEU B 239 -12.44 19.31 27.23
CA LEU B 239 -11.81 18.47 28.23
C LEU B 239 -10.40 18.94 28.54
N GLY B 240 -9.59 19.14 27.51
CA GLY B 240 -8.20 19.47 27.73
C GLY B 240 -7.45 18.38 28.47
N ASP B 241 -6.85 18.71 29.62
CA ASP B 241 -6.01 17.74 30.33
C ASP B 241 -6.85 16.84 31.25
N LYS B 242 -8.13 17.10 31.36
CA LYS B 242 -9.05 16.30 32.15
C LYS B 242 -9.56 15.10 31.34
N GLY B 243 -8.68 14.14 31.20
CA GLY B 243 -9.12 12.89 30.61
C GLY B 243 -7.96 11.95 30.42
N LEU B 244 -8.28 10.77 29.85
CA LEU B 244 -7.31 9.70 29.74
C LEU B 244 -7.62 8.87 28.51
N ILE B 245 -6.57 8.56 27.76
CA ILE B 245 -6.63 7.87 26.48
C ILE B 245 -5.50 6.86 26.49
N SER B 246 -5.83 5.57 26.39
CA SER B 246 -4.79 4.56 26.32
C SER B 246 -4.10 4.58 24.96
N TYR B 247 -2.97 3.89 24.92
CA TYR B 247 -2.28 3.64 23.66
C TYR B 247 -3.20 2.96 22.65
N THR B 248 -4.02 2.00 23.12
CA THR B 248 -4.87 1.26 22.20
C THR B 248 -5.97 2.17 21.68
N GLU B 249 -6.55 2.99 22.56
CA GLU B 249 -7.60 3.90 22.11
C GLU B 249 -7.03 4.95 21.17
N TYR B 250 -5.78 5.38 21.40
CA TYR B 250 -5.12 6.32 20.52
C TYR B 250 -5.01 5.76 19.11
N LEU B 251 -4.53 4.51 19.00
CA LEU B 251 -4.40 3.86 17.70
C LEU B 251 -5.76 3.63 17.05
N PHE B 252 -6.76 3.28 17.85
CA PHE B 252 -8.13 3.13 17.37
C PHE B 252 -8.63 4.42 16.73
N LEU B 253 -8.48 5.56 17.44
CA LEU B 253 -8.97 6.81 16.90
C LEU B 253 -8.20 7.21 15.64
N LEU B 254 -6.87 7.06 15.66
CA LEU B 254 -6.09 7.35 14.47
C LEU B 254 -6.48 6.43 13.30
N THR B 255 -6.86 5.18 13.59
CA THR B 255 -7.18 4.25 12.51
C THR B 255 -8.47 4.64 11.81
N ILE B 256 -9.41 5.21 12.55
CA ILE B 256 -10.78 5.48 12.08
C ILE B 256 -10.93 6.94 11.66
N LEU B 257 -10.11 7.83 12.22
CA LEU B 257 -10.41 9.25 12.05
C LEU B 257 -10.20 9.75 10.63
N THR B 258 -9.45 9.04 9.81
CA THR B 258 -9.30 9.41 8.41
C THR B 258 -10.34 8.75 7.52
N LYS B 259 -11.30 7.94 8.10
CA LYS B 259 -12.21 7.13 7.31
C LYS B 259 -13.50 7.88 7.00
N PRO B 260 -14.14 7.52 5.89
CA PRO B 260 -15.53 7.91 5.67
C PRO B 260 -16.44 7.14 6.62
N HIS B 261 -17.72 7.54 6.64
CA HIS B 261 -18.68 6.93 7.56
C HIS B 261 -18.68 5.41 7.44
N SER B 262 -18.51 4.90 6.22
CA SER B 262 -18.53 3.45 6.02
C SER B 262 -17.47 2.78 6.88
N GLY B 263 -16.32 3.43 7.08
CA GLY B 263 -15.29 2.83 7.92
C GLY B 263 -15.67 2.82 9.39
N PHE B 264 -16.40 3.86 9.86
CA PHE B 264 -16.92 3.88 11.21
C PHE B 264 -17.79 2.64 11.45
N HIS B 265 -18.60 2.28 10.45
CA HIS B 265 -19.56 1.20 10.64
C HIS B 265 -18.87 -0.15 10.68
N VAL B 266 -17.78 -0.32 9.91
CA VAL B 266 -16.99 -1.55 10.01
C VAL B 266 -16.41 -1.68 11.41
N ALA B 267 -15.82 -0.60 11.92
CA ALA B 267 -15.25 -0.64 13.26
C ALA B 267 -16.31 -0.98 14.29
N PHE B 268 -17.50 -0.40 14.15
CA PHE B 268 -18.57 -0.65 15.12
C PHE B 268 -19.02 -2.10 15.07
N LYS B 269 -19.25 -2.62 13.87
CA LYS B 269 -19.67 -4.01 13.70
C LYS B 269 -18.62 -4.96 14.25
N MET B 270 -17.33 -4.62 14.12
CA MET B 270 -16.29 -5.48 14.65
C MET B 270 -16.26 -5.47 16.19
N LEU B 271 -16.61 -4.35 16.82
CA LEU B 271 -16.71 -4.35 18.28
C LEU B 271 -17.93 -5.14 18.74
N ASP B 272 -19.02 -5.04 17.98
CA ASP B 272 -20.32 -5.59 18.37
C ASP B 272 -20.31 -7.10 18.19
N THR B 273 -19.61 -7.76 19.12
CA THR B 273 -19.36 -9.18 18.92
C THR B 273 -20.64 -10.00 19.09
N ASP B 274 -21.51 -9.63 20.02
CA ASP B 274 -22.70 -10.44 20.26
C ASP B 274 -23.84 -10.11 19.31
N GLY B 275 -23.64 -9.17 18.39
CA GLY B 275 -24.57 -8.97 17.28
C GLY B 275 -25.83 -8.20 17.59
N ASN B 276 -25.92 -7.56 18.77
CA ASN B 276 -27.14 -6.84 19.14
C ASN B 276 -27.10 -5.38 18.75
N GLU B 277 -26.17 -4.97 17.89
CA GLU B 277 -26.09 -3.61 17.37
C GLU B 277 -25.86 -2.58 18.47
N MET B 278 -25.19 -3.03 19.53
CA MET B 278 -24.90 -2.20 20.70
C MET B 278 -23.54 -2.61 21.24
N ILE B 279 -22.70 -1.64 21.57
CA ILE B 279 -21.43 -1.95 22.20
C ILE B 279 -21.59 -1.84 23.70
N GLU B 280 -21.09 -2.86 24.40
CA GLU B 280 -21.03 -2.90 25.85
C GLU B 280 -19.59 -2.71 26.25
N LYS B 281 -19.39 -2.08 27.43
CA LYS B 281 -18.02 -1.82 27.91
C LYS B 281 -17.17 -3.05 27.78
N ARG B 282 -17.77 -4.23 27.99
CA ARG B 282 -17.06 -5.49 27.86
C ARG B 282 -16.60 -5.76 26.44
N GLU B 283 -17.37 -5.31 25.45
CA GLU B 283 -16.99 -5.47 24.05
C GLU B 283 -15.94 -4.47 23.61
N PHE B 284 -15.77 -3.36 24.33
CA PHE B 284 -14.77 -2.36 24.00
C PHE B 284 -13.40 -2.81 24.47
N PHE B 285 -12.37 -2.07 24.05
CA PHE B 285 -11.01 -2.50 24.33
C PHE B 285 -10.73 -2.51 25.82
N LYS B 286 -9.69 -3.23 26.19
CA LYS B 286 -9.36 -3.48 27.59
C LYS B 286 -8.23 -2.59 28.10
N ASN B 318 -10.99 3.89 34.40
CA ASN B 318 -11.84 4.17 33.26
C ASN B 318 -11.26 5.31 32.41
N THR B 319 -11.18 5.07 31.11
CA THR B 319 -10.74 6.09 30.17
C THR B 319 -11.87 7.06 29.85
N THR B 320 -11.49 8.16 29.19
CA THR B 320 -12.46 9.12 28.67
C THR B 320 -13.48 8.48 27.72
N LEU B 321 -13.00 7.68 26.75
CA LEU B 321 -13.94 7.03 25.83
C LEU B 321 -14.86 6.05 26.57
N GLN B 322 -14.30 5.21 27.45
CA GLN B 322 -15.14 4.30 28.21
C GLN B 322 -16.24 5.04 28.95
N MET B 323 -15.90 6.16 29.58
CA MET B 323 -16.91 6.92 30.31
C MET B 323 -17.91 7.59 29.38
N ARG B 324 -17.42 8.18 28.29
CA ARG B 324 -18.31 8.74 27.29
C ARG B 324 -19.22 7.66 26.71
N PHE B 325 -18.65 6.52 26.31
CA PHE B 325 -19.43 5.53 25.57
C PHE B 325 -20.33 4.71 26.49
N PHE B 326 -19.88 4.43 27.72
CA PHE B 326 -20.56 3.46 28.59
C PHE B 326 -20.94 4.05 29.94
N GLY B 327 -20.86 5.36 30.11
CA GLY B 327 -21.21 5.99 31.36
C GLY B 327 -20.24 5.62 32.47
N LYS B 328 -20.47 6.23 33.64
CA LYS B 328 -19.52 6.15 34.74
C LYS B 328 -19.34 4.72 35.23
N ARG B 329 -20.45 4.05 35.58
CA ARG B 329 -20.37 2.69 36.11
C ARG B 329 -20.54 1.62 35.04
N GLY B 330 -20.34 2.00 33.77
CA GLY B 330 -20.07 1.02 32.74
C GLY B 330 -21.23 0.21 32.27
N GLN B 331 -22.44 0.76 32.31
CA GLN B 331 -23.62 0.02 31.91
C GLN B 331 -24.50 0.76 30.92
N ARG B 332 -24.10 1.94 30.45
CA ARG B 332 -24.69 2.48 29.23
C ARG B 332 -24.20 1.65 28.04
N LYS B 333 -24.99 1.62 26.97
CA LYS B 333 -24.66 0.83 25.78
C LYS B 333 -24.61 1.76 24.57
N LEU B 334 -23.57 1.60 23.74
CA LEU B 334 -23.30 2.55 22.67
C LEU B 334 -23.97 2.11 21.37
N HIS B 335 -24.83 2.95 20.84
CA HIS B 335 -25.47 2.65 19.57
C HIS B 335 -24.64 3.26 18.45
N TYR B 336 -24.90 2.79 17.24
CA TYR B 336 -24.06 3.20 16.14
C TYR B 336 -24.25 4.68 15.85
N LYS B 337 -25.49 5.16 15.88
CA LYS B 337 -25.74 6.56 15.61
C LYS B 337 -24.93 7.44 16.55
N GLU B 338 -24.76 7.02 17.81
CA GLU B 338 -23.99 7.84 18.74
C GLU B 338 -22.50 7.73 18.46
N PHE B 339 -22.05 6.52 18.15
CA PHE B 339 -20.67 6.33 17.75
C PHE B 339 -20.33 7.13 16.51
N ARG B 340 -21.16 7.03 15.47
CA ARG B 340 -20.87 7.78 14.26
C ARG B 340 -20.78 9.28 14.56
N ARG B 341 -21.73 9.80 15.33
CA ARG B 341 -21.74 11.23 15.61
C ARG B 341 -20.48 11.65 16.34
N PHE B 342 -20.05 10.85 17.33
CA PHE B 342 -18.83 11.10 18.05
C PHE B 342 -17.64 11.19 17.11
N MET B 343 -17.52 10.24 16.17
CA MET B 343 -16.40 10.26 15.24
C MET B 343 -16.48 11.45 14.31
N GLU B 344 -17.68 11.76 13.82
CA GLU B 344 -17.84 12.96 13.00
C GLU B 344 -17.40 14.22 13.76
N ASN B 345 -17.78 14.33 15.03
CA ASN B 345 -17.46 15.52 15.83
C ASN B 345 -15.97 15.62 16.10
N LEU B 346 -15.28 14.50 16.28
CA LEU B 346 -13.84 14.55 16.48
C LEU B 346 -13.12 14.95 15.18
N GLN B 347 -13.59 14.47 14.03
CA GLN B 347 -13.04 14.92 12.76
C GLN B 347 -13.22 16.42 12.60
N THR B 348 -14.42 16.91 12.88
CA THR B 348 -14.68 18.35 12.81
C THR B 348 -13.82 19.12 13.80
N GLU B 349 -13.73 18.62 15.02
CA GLU B 349 -12.88 19.27 16.03
C GLU B 349 -11.46 19.42 15.51
N ILE B 350 -10.88 18.35 14.99
CA ILE B 350 -9.55 18.42 14.42
C ILE B 350 -9.49 19.43 13.27
N GLN B 351 -10.49 19.45 12.40
CA GLN B 351 -10.49 20.43 11.31
C GLN B 351 -10.51 21.87 11.85
N GLU B 352 -11.34 22.13 12.86
CA GLU B 352 -11.46 23.50 13.35
C GLU B 352 -10.16 23.95 14.01
N MET B 353 -9.52 23.03 14.73
CA MET B 353 -8.27 23.34 15.39
C MET B 353 -7.19 23.60 14.39
N GLU B 354 -7.11 22.76 13.36
CA GLU B 354 -6.06 22.98 12.37
C GLU B 354 -6.32 24.27 11.59
N PHE B 355 -7.59 24.60 11.37
CA PHE B 355 -7.90 25.82 10.63
C PHE B 355 -7.37 27.05 11.36
N LEU B 356 -7.61 27.10 12.68
CA LEU B 356 -7.17 28.25 13.46
C LEU B 356 -5.66 28.24 13.66
N GLN B 357 -5.03 27.05 13.70
CA GLN B 357 -3.57 26.97 13.73
C GLN B 357 -2.94 27.61 12.51
N PHE B 358 -3.44 27.29 11.33
CA PHE B 358 -2.84 27.86 10.13
C PHE B 358 -3.39 29.22 9.77
N SER B 359 -4.58 29.55 10.21
CA SER B 359 -5.02 30.92 10.09
C SER B 359 -4.36 31.87 11.11
N LYS B 360 -3.63 31.32 12.09
CA LYS B 360 -2.96 32.08 13.16
C LYS B 360 -3.97 32.86 14.00
N GLY B 361 -5.19 32.36 14.09
CA GLY B 361 -6.24 32.95 14.89
C GLY B 361 -7.19 33.84 14.11
N LEU B 362 -6.86 34.21 12.86
CA LEU B 362 -7.79 34.97 12.06
C LEU B 362 -9.02 34.14 11.66
N SER B 363 -10.09 34.84 11.31
CA SER B 363 -11.34 34.17 10.99
C SER B 363 -11.27 33.41 9.68
N PHE B 364 -10.50 33.92 8.71
CA PHE B 364 -10.31 33.35 7.40
C PHE B 364 -8.84 33.02 7.24
N MET B 365 -8.57 31.99 6.44
CA MET B 365 -7.23 31.65 6.02
C MET B 365 -6.88 32.46 4.78
N ARG B 366 -5.70 33.05 4.76
CA ARG B 366 -5.12 33.44 3.47
C ARG B 366 -4.91 32.19 2.60
N LYS B 367 -4.98 32.36 1.30
CA LYS B 367 -4.60 31.28 0.38
C LYS B 367 -3.24 30.72 0.75
N GLU B 368 -2.29 31.60 1.08
CA GLU B 368 -0.99 31.15 1.54
C GLU B 368 -1.06 30.33 2.79
N ASP B 369 -2.01 30.62 3.69
CA ASP B 369 -2.21 29.79 4.88
C ASP B 369 -2.72 28.40 4.49
N PHE B 370 -3.69 28.34 3.57
CA PHE B 370 -4.20 27.04 3.12
C PHE B 370 -3.10 26.25 2.41
N ALA B 371 -2.30 26.93 1.61
CA ALA B 371 -1.18 26.30 0.94
C ALA B 371 -0.20 25.69 1.93
N GLU B 372 0.10 26.39 3.02
CA GLU B 372 0.97 25.83 4.03
C GLU B 372 0.37 24.59 4.64
N TRP B 373 -0.92 24.63 4.95
CA TRP B 373 -1.57 23.44 5.46
C TRP B 373 -1.49 22.31 4.45
N LEU B 374 -1.69 22.62 3.15
CA LEU B 374 -1.64 21.60 2.10
C LEU B 374 -0.27 20.91 2.09
N LEU B 375 0.81 21.69 2.22
CA LEU B 375 2.13 21.06 2.27
C LEU B 375 2.24 20.09 3.44
N PHE B 376 1.79 20.48 4.63
CA PHE B 376 1.93 19.57 5.76
C PHE B 376 1.01 18.37 5.64
N PHE B 377 -0.19 18.58 5.09
CA PHE B 377 -1.14 17.49 4.90
C PHE B 377 -0.59 16.48 3.89
N THR B 378 -0.02 16.94 2.79
CA THR B 378 0.54 16.05 1.79
C THR B 378 1.95 15.59 2.14
N ASN B 379 2.49 16.04 3.27
CA ASN B 379 3.80 15.62 3.76
C ASN B 379 4.91 16.04 2.81
N THR B 380 4.74 17.21 2.16
CA THR B 380 5.71 17.73 1.22
C THR B 380 6.36 19.03 1.73
N GLU B 381 6.26 19.29 3.05
CA GLU B 381 6.69 20.57 3.65
C GLU B 381 8.20 20.79 3.59
N ASN B 382 8.97 19.76 3.26
CA ASN B 382 10.41 19.88 3.12
C ASN B 382 10.87 19.78 1.66
N LYS B 383 9.96 19.94 0.70
CA LYS B 383 10.33 20.00 -0.71
C LYS B 383 10.36 21.46 -1.17
N ASP B 384 11.54 21.94 -1.57
CA ASP B 384 11.67 23.35 -1.91
C ASP B 384 10.75 23.76 -3.07
N ILE B 385 10.47 22.85 -4.01
CA ILE B 385 9.71 23.26 -5.19
C ILE B 385 8.30 23.72 -4.79
N TYR B 386 7.71 23.09 -3.78
CA TYR B 386 6.36 23.48 -3.37
C TYR B 386 6.37 24.82 -2.65
N TRP B 387 7.33 25.04 -1.75
CA TRP B 387 7.45 26.34 -1.08
C TRP B 387 7.64 27.47 -2.09
N LYS B 388 8.36 27.22 -3.17
CA LYS B 388 8.52 28.23 -4.20
C LYS B 388 7.20 28.53 -4.90
N ASN B 389 6.39 27.49 -5.16
CA ASN B 389 5.09 27.72 -5.77
C ASN B 389 4.23 28.57 -4.85
N VAL B 390 4.32 28.33 -3.54
CA VAL B 390 3.56 29.10 -2.57
C VAL B 390 3.90 30.58 -2.67
N ARG B 391 5.21 30.89 -2.60
CA ARG B 391 5.65 32.28 -2.47
C ARG B 391 5.41 33.05 -3.77
N GLU B 392 5.60 32.39 -4.93
CA GLU B 392 5.63 33.05 -6.22
C GLU B 392 4.47 32.76 -7.16
N LYS B 393 3.75 31.65 -7.00
CA LYS B 393 2.71 31.31 -7.97
C LYS B 393 1.31 31.69 -7.49
N LEU B 394 1.16 32.11 -6.25
CA LEU B 394 -0.16 32.28 -5.67
C LEU B 394 -0.61 33.71 -5.77
N SER B 395 -1.60 33.96 -6.63
CA SER B 395 -2.28 35.25 -6.58
C SER B 395 -2.74 35.54 -5.16
N ALA B 396 -2.73 36.81 -4.79
CA ALA B 396 -3.60 37.27 -3.71
C ALA B 396 -5.04 37.10 -4.21
N GLY B 397 -5.87 36.46 -3.41
CA GLY B 397 -7.23 36.20 -3.84
C GLY B 397 -8.19 36.40 -2.69
N GLU B 398 -9.39 35.85 -2.79
CA GLU B 398 -10.26 35.81 -1.63
C GLU B 398 -9.66 34.94 -0.53
N SER B 399 -10.00 35.26 0.71
CA SER B 399 -9.56 34.39 1.80
C SER B 399 -10.46 33.15 1.84
N ILE B 400 -10.02 32.14 2.57
CA ILE B 400 -10.65 30.85 2.61
C ILE B 400 -11.34 30.70 3.95
N SER B 401 -12.64 30.42 3.87
CA SER B 401 -13.45 30.25 5.05
C SER B 401 -13.29 28.87 5.66
N LEU B 402 -13.69 28.79 6.93
CA LEU B 402 -13.72 27.52 7.64
C LEU B 402 -14.60 26.51 6.88
N ASP B 403 -15.74 26.94 6.35
CA ASP B 403 -16.64 26.00 5.69
C ASP B 403 -16.03 25.44 4.40
N GLU B 404 -15.37 26.30 3.65
CA GLU B 404 -14.62 25.86 2.47
C GLU B 404 -13.51 24.88 2.84
N PHE B 405 -12.75 25.19 3.90
CA PHE B 405 -11.71 24.28 4.37
C PHE B 405 -12.28 22.93 4.80
N LYS B 406 -13.38 22.93 5.55
CA LYS B 406 -14.03 21.68 5.93
C LYS B 406 -14.50 20.87 4.72
N SER B 407 -14.98 21.53 3.66
CA SER B 407 -15.38 20.77 2.48
C SER B 407 -14.18 20.08 1.87
N PHE B 408 -13.04 20.78 1.83
CA PHE B 408 -11.82 20.15 1.35
C PHE B 408 -11.45 18.93 2.20
N CYS B 409 -11.50 19.07 3.53
CA CYS B 409 -11.15 17.97 4.42
C CYS B 409 -12.09 16.80 4.22
N HIS B 410 -13.39 17.07 4.03
CA HIS B 410 -14.37 16.03 3.76
C HIS B 410 -14.00 15.28 2.50
N PHE B 411 -13.65 16.00 1.43
CA PHE B 411 -13.17 15.40 0.18
C PHE B 411 -12.00 14.44 0.44
N THR B 412 -11.02 14.88 1.23
CA THR B 412 -9.89 14.03 1.52
C THR B 412 -10.27 12.74 2.24
N THR B 413 -11.41 12.67 2.90
CA THR B 413 -11.79 11.41 3.51
C THR B 413 -12.36 10.42 2.50
N HIS B 414 -12.77 10.89 1.33
CA HIS B 414 -13.32 10.06 0.28
C HIS B 414 -12.35 9.88 -0.89
N LEU B 415 -11.06 9.82 -0.60
CA LEU B 415 -10.06 9.85 -1.66
C LEU B 415 -10.16 8.61 -2.52
N GLU B 416 -10.44 7.47 -1.91
CA GLU B 416 -10.46 6.25 -2.72
C GLU B 416 -11.66 6.22 -3.66
N ASP B 417 -12.82 6.68 -3.20
CA ASP B 417 -13.94 6.84 -4.11
C ASP B 417 -13.58 7.79 -5.25
N PHE B 418 -12.87 8.89 -4.94
CA PHE B 418 -12.47 9.86 -5.96
C PHE B 418 -11.43 9.28 -6.93
N ALA B 419 -10.47 8.56 -6.40
CA ALA B 419 -9.48 7.91 -7.26
C ALA B 419 -10.14 6.92 -8.21
N ILE B 420 -11.09 6.12 -7.71
CA ILE B 420 -11.82 5.17 -8.56
C ILE B 420 -12.59 5.89 -9.66
N ALA B 421 -13.28 6.97 -9.30
CA ALA B 421 -14.01 7.76 -10.27
C ALA B 421 -13.11 8.37 -11.33
N MET B 422 -11.89 8.75 -10.96
CA MET B 422 -10.90 9.35 -11.86
C MET B 422 -10.10 8.36 -12.72
N GLN B 423 -10.45 7.08 -12.71
CA GLN B 423 -9.54 6.10 -13.29
C GLN B 423 -9.37 6.27 -14.78
N MET B 424 -10.39 6.78 -15.50
CA MET B 424 -10.17 6.94 -16.95
C MET B 424 -9.11 8.00 -17.22
N PHE B 425 -9.13 9.09 -16.45
CA PHE B 425 -8.07 10.07 -16.56
C PHE B 425 -6.71 9.44 -16.26
N SER B 426 -6.61 8.72 -15.15
CA SER B 426 -5.33 8.17 -14.74
C SER B 426 -4.84 7.11 -15.72
N LEU B 427 -5.72 6.18 -16.11
CA LEU B 427 -5.28 5.13 -17.00
C LEU B 427 -4.90 5.69 -18.36
N ALA B 428 -5.56 6.75 -18.79
CA ALA B 428 -5.24 7.36 -20.07
C ALA B 428 -4.03 8.28 -20.00
N HIS B 429 -3.45 8.50 -18.84
CA HIS B 429 -2.38 9.49 -18.64
C HIS B 429 -2.79 10.87 -19.13
N ARG B 430 -4.03 11.24 -18.83
CA ARG B 430 -4.60 12.49 -19.28
C ARG B 430 -4.67 13.44 -18.07
N PRO B 431 -3.83 14.47 -18.02
CA PRO B 431 -3.87 15.41 -16.89
C PRO B 431 -5.23 16.09 -16.79
N VAL B 432 -5.63 16.38 -15.55
CA VAL B 432 -6.99 16.84 -15.26
C VAL B 432 -7.03 18.35 -15.15
N ARG B 433 -8.02 18.95 -15.81
CA ARG B 433 -8.23 20.40 -15.76
C ARG B 433 -9.01 20.80 -14.50
N LEU B 434 -8.87 22.07 -14.09
CA LEU B 434 -9.48 22.50 -12.83
C LEU B 434 -10.97 22.21 -12.83
N ALA B 435 -11.67 22.58 -13.91
CA ALA B 435 -13.13 22.39 -13.93
C ALA B 435 -13.51 20.91 -13.87
N GLU B 436 -12.74 20.05 -14.52
CA GLU B 436 -13.04 18.62 -14.51
C GLU B 436 -12.82 18.03 -13.13
N PHE B 437 -11.77 18.48 -12.46
CA PHE B 437 -11.48 18.11 -11.07
C PHE B 437 -12.60 18.51 -10.13
N LYS B 438 -13.01 19.78 -10.20
CA LYS B 438 -14.13 20.27 -9.40
C LYS B 438 -15.35 19.37 -9.55
N ARG B 439 -15.70 19.09 -10.80
CA ARG B 439 -16.89 18.29 -11.07
C ARG B 439 -16.74 16.88 -10.53
N ALA B 440 -15.58 16.27 -10.80
CA ALA B 440 -15.33 14.93 -10.29
C ALA B 440 -15.44 14.87 -8.77
N VAL B 441 -14.88 15.86 -8.06
CA VAL B 441 -15.03 15.87 -6.61
C VAL B 441 -16.51 15.86 -6.23
N LYS B 442 -17.31 16.70 -6.88
CA LYS B 442 -18.74 16.79 -6.56
C LYS B 442 -19.43 15.47 -6.88
N VAL B 443 -19.14 14.90 -8.04
CA VAL B 443 -19.81 13.67 -8.45
C VAL B 443 -19.40 12.50 -7.54
N ALA B 444 -18.10 12.41 -7.21
CA ALA B 444 -17.60 11.23 -6.54
C ALA B 444 -17.75 11.31 -5.02
N THR B 445 -17.76 12.53 -4.44
CA THR B 445 -17.73 12.72 -2.99
C THR B 445 -18.81 13.60 -2.41
N GLY B 446 -19.64 14.26 -3.23
CA GLY B 446 -20.65 15.18 -2.74
C GLY B 446 -20.13 16.57 -2.37
N GLN B 447 -18.84 16.80 -2.43
CA GLN B 447 -18.29 18.03 -1.89
C GLN B 447 -18.14 19.10 -2.95
N GLU B 448 -18.38 20.33 -2.52
CA GLU B 448 -18.29 21.51 -3.35
C GLU B 448 -17.00 22.20 -2.99
N LEU B 449 -15.99 22.09 -3.83
CA LEU B 449 -14.78 22.84 -3.60
C LEU B 449 -14.90 24.17 -4.32
N SER B 450 -14.59 25.25 -3.62
CA SER B 450 -14.59 26.56 -4.25
C SER B 450 -13.42 26.66 -5.22
N ASN B 451 -13.60 27.51 -6.23
CA ASN B 451 -12.54 27.74 -7.21
C ASN B 451 -11.28 28.23 -6.52
N ASN B 452 -11.44 28.89 -5.38
CA ASN B 452 -10.28 29.42 -4.69
C ASN B 452 -9.45 28.38 -3.92
N ILE B 453 -10.11 27.43 -3.26
CA ILE B 453 -9.42 26.24 -2.78
C ILE B 453 -8.71 25.55 -3.97
N LEU B 454 -9.44 25.34 -5.05
CA LEU B 454 -8.90 24.53 -6.15
C LEU B 454 -7.79 25.27 -6.89
N ASP B 455 -7.93 26.58 -7.03
CA ASP B 455 -6.84 27.37 -7.59
C ASP B 455 -5.58 27.21 -6.77
N THR B 456 -5.73 27.19 -5.44
CA THR B 456 -4.57 27.00 -4.59
C THR B 456 -3.94 25.63 -4.81
N VAL B 457 -4.77 24.58 -4.84
CA VAL B 457 -4.29 23.22 -5.10
C VAL B 457 -3.50 23.19 -6.40
N PHE B 458 -4.09 23.73 -7.45
CA PHE B 458 -3.50 23.61 -8.77
C PHE B 458 -2.20 24.39 -8.85
N LYS B 459 -2.16 25.61 -8.26
CA LYS B 459 -0.94 26.39 -8.32
C LYS B 459 0.18 25.73 -7.52
N ILE B 460 -0.14 25.00 -6.46
CA ILE B 460 0.91 24.37 -5.67
C ILE B 460 1.42 23.11 -6.35
N PHE B 461 0.54 22.24 -6.81
CA PHE B 461 0.95 20.91 -7.25
C PHE B 461 1.16 20.75 -8.75
N ASP B 462 0.84 21.73 -9.58
CA ASP B 462 1.15 21.67 -10.99
C ASP B 462 2.64 21.91 -11.17
N LEU B 463 3.39 20.87 -11.47
CA LEU B 463 4.85 20.96 -11.50
C LEU B 463 5.39 21.26 -12.88
N ASP B 464 4.69 20.86 -13.93
CA ASP B 464 5.19 21.10 -15.28
C ASP B 464 4.49 22.27 -15.97
N GLY B 465 3.62 23.00 -15.27
CA GLY B 465 3.08 24.24 -15.80
C GLY B 465 2.01 24.11 -16.85
N ASP B 466 1.40 22.95 -17.01
CA ASP B 466 0.33 22.86 -17.98
C ASP B 466 -1.05 23.23 -17.39
N GLU B 467 -1.10 23.63 -16.12
CA GLU B 467 -2.33 24.05 -15.44
C GLU B 467 -3.30 22.92 -15.19
N CYS B 468 -2.80 21.68 -15.32
CA CYS B 468 -3.54 20.46 -15.08
C CYS B 468 -2.78 19.65 -14.03
N LEU B 469 -3.48 18.75 -13.36
CA LEU B 469 -2.85 17.84 -12.40
C LEU B 469 -2.87 16.45 -13.00
N SER B 470 -1.68 15.91 -13.24
CA SER B 470 -1.50 14.52 -13.60
C SER B 470 -1.66 13.66 -12.37
N HIS B 471 -1.74 12.35 -12.58
CA HIS B 471 -1.91 11.44 -11.47
C HIS B 471 -0.81 11.61 -10.43
N GLU B 472 0.46 11.62 -10.85
CA GLU B 472 1.53 11.75 -9.87
C GLU B 472 1.60 13.14 -9.23
N GLU B 473 1.05 14.17 -9.86
CA GLU B 473 1.12 15.50 -9.25
C GLU B 473 0.23 15.63 -8.01
N PHE B 474 -0.82 14.83 -7.88
CA PHE B 474 -1.69 15.01 -6.73
C PHE B 474 -2.10 13.69 -6.07
N LEU B 475 -2.83 12.82 -6.78
CA LEU B 475 -3.13 11.51 -6.20
C LEU B 475 -1.85 10.77 -5.79
N GLY B 476 -0.86 10.73 -6.68
CA GLY B 476 0.40 10.07 -6.33
C GLY B 476 1.06 10.66 -5.09
N VAL B 477 0.92 11.98 -4.89
CA VAL B 477 1.51 12.62 -3.72
C VAL B 477 0.83 12.13 -2.45
N LEU B 478 -0.51 12.06 -2.46
CA LEU B 478 -1.24 11.55 -1.31
C LEU B 478 -1.03 10.04 -1.16
N LYS B 479 -0.89 9.60 0.08
CA LYS B 479 -0.84 8.17 0.39
C LYS B 479 0.38 7.44 -0.18
N ASN B 480 1.05 8.03 -1.16
CA ASN B 480 2.47 7.78 -1.35
C ASN B 480 3.25 8.88 -0.64
N ARG B 481 2.85 9.11 0.63
CA ARG B 481 3.47 10.11 1.50
C ARG B 481 4.97 9.76 1.61
#